data_4B5B
#
_entry.id   4B5B
#
_cell.length_a   64.090
_cell.length_b   154.400
_cell.length_c   134.540
_cell.angle_alpha   90.00
_cell.angle_beta   92.39
_cell.angle_gamma   90.00
#
_symmetry.space_group_name_H-M   'C 1 2 1'
#
loop_
_entity.id
_entity.type
_entity.pdbx_description
1 polymer 'GLUCOSE-1-PHOSPHATE THYMIDYLYLTRANSFERASE'
2 non-polymer N-(6-amino-1-benzyl-2,4-dioxo-1,2,3,4-tetrahydropyrimidin-5-yl)-N,3-dimethylbenzenesulfonamide
3 non-polymer 'CHLORIDE ION'
4 water water
#
_entity_poly.entity_id   1
_entity_poly.type   'polypeptide(L)'
_entity_poly.pdbx_seq_one_letter_code
;HHHHHHGSMAMKRKGIILAGGSGTRLHPATLAISKQLLPVYDKPMIYYPLSTLMLAGIREILIISTPQDTPRFQQLLGDG
SNWGLDLQYAVQPSPDGLAQAFLIGESFIGNDLSALVLGDNLYYGHDFHELLGSASQRQTGASVFAYHVLDPERYGVVEF
DQGGKAISLEEKPLEPKSNYAVTGLYFYDQQVVDIARDLKPSPRGELEITDVNRAYLERGQLSVEIMGRGYAWLDTGTHD
SLLEAGQFIATLENRQGLKVACPEEIAYRQKWIDAAQLEKLAAPLAKNGYGQYLKRLLTETVY
;
_entity_poly.pdbx_strand_id   A,B,C,D
#
loop_
_chem_comp.id
_chem_comp.type
_chem_comp.name
_chem_comp.formula
BBE non-polymer N-(6-amino-1-benzyl-2,4-dioxo-1,2,3,4-tetrahydropyrimidin-5-yl)-N,3-dimethylbenzenesulfonamide 'C19 H20 N4 O4 S'
CL non-polymer 'CHLORIDE ION' 'Cl -1'
#
# COMPACT_ATOMS: atom_id res chain seq x y z
N MET A 11 -27.63 0.08 13.03
CA MET A 11 -26.59 0.78 12.23
C MET A 11 -25.33 -0.06 12.08
N LYS A 12 -24.64 0.09 10.96
CA LYS A 12 -23.41 -0.66 10.74
C LYS A 12 -22.24 -0.04 11.50
N ARG A 13 -21.28 -0.90 11.75
CA ARG A 13 -20.14 -0.55 12.55
C ARG A 13 -18.86 -0.76 11.74
N LYS A 14 -18.03 0.27 11.68
CA LYS A 14 -16.75 0.23 10.97
C LYS A 14 -15.66 -0.10 11.97
N GLY A 15 -14.57 -0.71 11.50
CA GLY A 15 -13.46 -1.07 12.38
C GLY A 15 -12.23 -0.23 12.11
N ILE A 16 -11.45 0.00 13.15
CA ILE A 16 -10.13 0.59 12.99
C ILE A 16 -9.09 -0.25 13.71
N ILE A 17 -7.99 -0.54 13.03
CA ILE A 17 -6.85 -1.17 13.67
C ILE A 17 -5.73 -0.15 13.73
N LEU A 18 -5.31 0.16 14.95
CA LEU A 18 -4.16 1.02 15.16
C LEU A 18 -2.89 0.19 15.25
N ALA A 19 -2.09 0.27 14.19
CA ALA A 19 -0.85 -0.47 14.10
C ALA A 19 0.30 0.48 13.85
N GLY A 20 0.45 1.42 14.77
CA GLY A 20 1.38 2.53 14.63
C GLY A 20 2.78 2.19 15.08
N GLY A 21 3.58 3.22 15.31
CA GLY A 21 4.90 3.06 15.89
C GLY A 21 4.80 2.63 17.36
N SER A 22 5.64 1.69 17.77
CA SER A 22 5.88 1.39 19.22
C SER A 22 7.15 2.11 19.67
N GLY A 23 7.36 3.29 19.08
CA GLY A 23 8.60 4.04 19.20
C GLY A 23 9.85 3.18 19.11
N THR A 24 10.75 3.39 20.06
CA THR A 24 12.01 2.68 20.13
C THR A 24 11.99 1.58 21.19
N ARG A 25 10.84 1.32 21.78
CA ARG A 25 10.74 0.48 22.97
C ARG A 25 11.30 -0.93 22.75
N LEU A 26 11.08 -1.49 21.57
CA LEU A 26 11.50 -2.88 21.27
C LEU A 26 12.68 -2.94 20.30
N HIS A 27 13.36 -1.80 20.09
CA HIS A 27 14.58 -1.78 19.32
C HIS A 27 15.65 -2.55 20.03
N PRO A 28 16.53 -3.26 19.29
CA PRO A 28 16.66 -3.26 17.84
C PRO A 28 15.78 -4.24 17.08
N ALA A 29 15.01 -5.08 17.77
CA ALA A 29 14.16 -6.06 17.11
C ALA A 29 13.20 -5.41 16.10
N THR A 30 12.69 -4.23 16.46
CA THR A 30 11.75 -3.51 15.62
C THR A 30 12.37 -2.40 14.76
N LEU A 31 13.70 -2.35 14.65
CA LEU A 31 14.36 -1.37 13.77
C LEU A 31 14.00 -1.54 12.28
N ALA A 32 14.01 -2.78 11.81
CA ALA A 32 13.73 -3.07 10.39
C ALA A 32 12.25 -3.06 10.03
N ILE A 33 11.37 -3.48 10.95
CA ILE A 33 9.92 -3.56 10.68
C ILE A 33 9.04 -3.25 11.86
N SER A 34 7.81 -2.91 11.55
CA SER A 34 6.81 -2.63 12.54
C SER A 34 6.47 -3.87 13.39
N LYS A 35 6.25 -3.61 14.68
CA LYS A 35 5.88 -4.64 15.62
C LYS A 35 4.72 -5.52 15.11
N GLN A 36 3.71 -4.89 14.51
CA GLN A 36 2.48 -5.60 14.17
C GLN A 36 2.61 -6.43 12.89
N LEU A 37 3.77 -6.35 12.26
CA LEU A 37 4.12 -7.25 11.18
C LEU A 37 4.96 -8.45 11.66
N LEU A 38 5.46 -8.41 12.90
CA LEU A 38 6.22 -9.55 13.44
C LEU A 38 5.26 -10.75 13.62
N PRO A 39 5.73 -11.99 13.39
CA PRO A 39 4.84 -13.12 13.52
C PRO A 39 4.58 -13.45 14.98
N VAL A 40 3.37 -13.91 15.26
CA VAL A 40 3.09 -14.58 16.51
C VAL A 40 2.86 -16.02 16.09
N TYR A 41 3.85 -16.86 16.39
CA TYR A 41 3.96 -18.25 15.90
C TYR A 41 4.01 -18.35 14.39
N ASP A 42 2.87 -18.46 13.74
CA ASP A 42 2.81 -18.80 12.31
C ASP A 42 2.16 -17.74 11.42
N LYS A 43 1.80 -16.59 11.99
CA LYS A 43 1.14 -15.57 11.19
C LYS A 43 1.45 -14.17 11.73
N PRO A 44 1.39 -13.16 10.86
CA PRO A 44 1.72 -11.82 11.32
C PRO A 44 0.81 -11.39 12.46
N MET A 45 1.34 -10.60 13.37
CA MET A 45 0.60 -10.18 14.55
C MET A 45 -0.74 -9.58 14.19
N ILE A 46 -0.78 -8.77 13.14
CA ILE A 46 -2.00 -8.03 12.80
C ILE A 46 -3.19 -8.94 12.41
N TYR A 47 -2.89 -10.17 11.95
CA TYR A 47 -3.96 -11.14 11.70
C TYR A 47 -4.88 -11.34 12.91
N TYR A 48 -4.31 -11.25 14.11
CA TYR A 48 -5.08 -11.53 15.33
C TYR A 48 -6.15 -10.46 15.62
N PRO A 49 -5.77 -9.17 15.74
CA PRO A 49 -6.82 -8.15 15.90
C PRO A 49 -7.75 -8.02 14.68
N LEU A 50 -7.23 -8.24 13.48
CA LEU A 50 -8.05 -8.22 12.28
C LEU A 50 -9.14 -9.30 12.41
N SER A 51 -8.72 -10.51 12.80
CA SER A 51 -9.65 -11.61 13.04
C SER A 51 -10.65 -11.28 14.14
N THR A 52 -10.23 -10.53 15.15
CA THR A 52 -11.11 -10.09 16.21
C THR A 52 -12.24 -9.20 15.67
N LEU A 53 -11.89 -8.19 14.89
CA LEU A 53 -12.90 -7.37 14.22
C LEU A 53 -13.84 -8.19 13.38
N MET A 54 -13.29 -9.13 12.60
CA MET A 54 -14.10 -10.00 11.73
C MET A 54 -15.10 -10.83 12.56
N LEU A 55 -14.63 -11.34 13.68
CA LEU A 55 -15.46 -12.15 14.58
C LEU A 55 -16.62 -11.33 15.14
N ALA A 56 -16.40 -10.03 15.31
CA ALA A 56 -17.48 -9.10 15.69
C ALA A 56 -18.43 -8.75 14.54
N GLY A 57 -18.23 -9.33 13.35
CA GLY A 57 -19.08 -9.09 12.18
C GLY A 57 -18.69 -7.84 11.40
N ILE A 58 -17.52 -7.27 11.67
CA ILE A 58 -17.09 -6.02 11.03
C ILE A 58 -16.28 -6.31 9.74
N ARG A 59 -16.71 -5.71 8.64
CA ARG A 59 -16.13 -5.95 7.30
C ARG A 59 -15.41 -4.75 6.71
N GLU A 60 -15.74 -3.55 7.15
CA GLU A 60 -15.12 -2.32 6.63
C GLU A 60 -14.16 -1.80 7.68
N ILE A 61 -12.87 -1.84 7.36
CA ILE A 61 -11.82 -1.70 8.34
C ILE A 61 -10.71 -0.76 7.84
N LEU A 62 -10.35 0.19 8.68
CA LEU A 62 -9.24 1.12 8.42
C LEU A 62 -8.00 0.68 9.19
N ILE A 63 -6.90 0.49 8.47
CA ILE A 63 -5.62 0.17 9.06
C ILE A 63 -4.77 1.43 9.09
N ILE A 64 -4.41 1.84 10.32
CA ILE A 64 -3.56 2.98 10.55
C ILE A 64 -2.17 2.51 10.96
N SER A 65 -1.16 2.93 10.20
CA SER A 65 0.22 2.57 10.45
C SER A 65 1.12 3.76 10.16
N THR A 66 2.43 3.56 10.31
CA THR A 66 3.39 4.62 10.03
C THR A 66 3.50 4.80 8.53
N PRO A 67 4.01 5.99 8.10
CA PRO A 67 4.24 6.19 6.67
C PRO A 67 5.15 5.13 6.02
N GLN A 68 6.15 4.69 6.75
CA GLN A 68 7.14 3.74 6.26
C GLN A 68 6.55 2.35 6.03
N ASP A 69 5.66 1.92 6.93
CA ASP A 69 5.21 0.51 6.92
C ASP A 69 3.87 0.26 6.25
N THR A 70 3.14 1.34 5.94
CA THR A 70 1.85 1.19 5.26
C THR A 70 1.91 0.29 4.01
N PRO A 71 2.91 0.47 3.12
CA PRO A 71 2.96 -0.41 1.93
C PRO A 71 3.18 -1.87 2.26
N ARG A 72 3.83 -2.15 3.39
CA ARG A 72 4.01 -3.54 3.84
C ARG A 72 2.70 -4.13 4.38
N PHE A 73 1.92 -3.35 5.12
CA PHE A 73 0.56 -3.79 5.46
C PHE A 73 -0.28 -4.00 4.19
N GLN A 74 -0.14 -3.09 3.24
CA GLN A 74 -0.89 -3.17 1.99
C GLN A 74 -0.50 -4.43 1.18
N GLN A 75 0.79 -4.75 1.14
CA GLN A 75 1.25 -5.94 0.43
C GLN A 75 0.69 -7.22 1.05
N LEU A 76 0.66 -7.23 2.39
CA LEU A 76 0.13 -8.36 3.13
C LEU A 76 -1.39 -8.51 2.96
N LEU A 77 -2.12 -7.44 3.21
CA LEU A 77 -3.58 -7.51 3.37
C LEU A 77 -4.38 -7.09 2.11
N GLY A 78 -3.77 -6.31 1.21
CA GLY A 78 -4.47 -5.82 0.01
C GLY A 78 -5.67 -4.95 0.36
N ASP A 79 -6.68 -4.99 -0.48
CA ASP A 79 -7.91 -4.22 -0.22
C ASP A 79 -8.96 -5.02 0.56
N GLY A 80 -8.61 -6.26 0.93
CA GLY A 80 -9.49 -7.10 1.72
C GLY A 80 -10.46 -7.96 0.90
N SER A 81 -10.62 -7.62 -0.38
CA SER A 81 -11.63 -8.25 -1.23
C SER A 81 -11.47 -9.78 -1.34
N ASN A 82 -10.23 -10.27 -1.25
CA ASN A 82 -9.98 -11.71 -1.22
C ASN A 82 -10.61 -12.41 -0.03
N TRP A 83 -10.89 -11.66 1.04
CA TRP A 83 -11.49 -12.20 2.27
C TRP A 83 -12.84 -11.65 2.57
N GLY A 84 -13.50 -11.04 1.60
CA GLY A 84 -14.86 -10.50 1.82
C GLY A 84 -14.89 -9.23 2.67
N LEU A 85 -13.76 -8.56 2.74
CA LEU A 85 -13.62 -7.33 3.51
C LEU A 85 -13.44 -6.14 2.57
N ASP A 86 -13.50 -4.95 3.14
CA ASP A 86 -13.06 -3.76 2.46
C ASP A 86 -12.08 -3.05 3.38
N LEU A 87 -10.80 -3.10 3.02
CA LEU A 87 -9.77 -2.51 3.86
C LEU A 87 -9.30 -1.21 3.23
N GLN A 88 -9.18 -0.17 4.08
CA GLN A 88 -8.57 1.08 3.70
C GLN A 88 -7.41 1.38 4.64
N TYR A 89 -6.58 2.32 4.22
CA TYR A 89 -5.31 2.59 4.90
C TYR A 89 -5.15 4.07 5.16
N ALA A 90 -4.60 4.39 6.33
CA ALA A 90 -4.29 5.76 6.72
C ALA A 90 -2.97 5.76 7.43
N VAL A 91 -2.26 6.88 7.41
CA VAL A 91 -0.97 6.95 8.04
C VAL A 91 -1.08 7.73 9.33
N GLN A 92 -0.24 7.38 10.31
CA GLN A 92 -0.07 8.18 11.50
C GLN A 92 1.40 8.62 11.47
N PRO A 93 1.67 9.88 11.05
CA PRO A 93 3.04 10.39 10.92
C PRO A 93 3.85 10.30 12.21
N SER A 94 3.19 10.58 13.34
CA SER A 94 3.81 10.63 14.66
C SER A 94 2.90 9.96 15.70
N PRO A 95 3.48 9.24 16.66
CA PRO A 95 2.67 8.53 17.64
C PRO A 95 2.09 9.43 18.74
N ASP A 96 1.00 10.12 18.45
CA ASP A 96 0.44 11.13 19.36
C ASP A 96 -0.73 10.63 20.22
N GLY A 97 -0.89 9.31 20.37
CA GLY A 97 -1.92 8.76 21.26
C GLY A 97 -2.98 7.94 20.55
N LEU A 98 -3.58 7.00 21.27
CA LEU A 98 -4.53 6.07 20.68
C LEU A 98 -5.81 6.80 20.23
N ALA A 99 -6.18 7.86 20.95
CA ALA A 99 -7.39 8.64 20.62
C ALA A 99 -7.25 9.38 19.29
N GLN A 100 -6.02 9.58 18.83
CA GLN A 100 -5.79 10.15 17.50
C GLN A 100 -6.40 9.32 16.35
N ALA A 101 -6.64 8.03 16.60
CA ALA A 101 -7.22 7.17 15.56
C ALA A 101 -8.54 7.73 15.04
N PHE A 102 -9.28 8.40 15.92
CA PHE A 102 -10.58 8.93 15.57
C PHE A 102 -10.53 10.20 14.72
N LEU A 103 -9.43 10.94 14.81
CA LEU A 103 -9.21 12.15 14.00
C LEU A 103 -8.67 11.77 12.65
N ILE A 104 -7.62 10.95 12.64
CA ILE A 104 -7.12 10.34 11.40
C ILE A 104 -8.24 9.57 10.68
N GLY A 105 -9.08 8.87 11.45
CA GLY A 105 -10.15 8.06 10.86
C GLY A 105 -11.51 8.74 10.68
N GLU A 106 -11.56 10.06 10.89
CA GLU A 106 -12.83 10.79 10.87
C GLU A 106 -13.66 10.63 9.60
N SER A 107 -13.05 10.83 8.45
CA SER A 107 -13.79 10.69 7.18
C SER A 107 -14.16 9.23 6.91
N PHE A 108 -13.27 8.30 7.24
CA PHE A 108 -13.59 6.86 7.16
C PHE A 108 -14.84 6.51 7.96
N ILE A 109 -14.91 7.00 9.18
CA ILE A 109 -16.01 6.65 10.09
C ILE A 109 -17.34 7.24 9.59
N GLY A 110 -17.29 8.51 9.20
CA GLY A 110 -18.49 9.22 8.78
C GLY A 110 -19.48 9.30 9.93
N ASN A 111 -20.72 8.90 9.67
CA ASN A 111 -21.80 8.96 10.65
C ASN A 111 -22.10 7.59 11.23
N ASP A 112 -21.16 6.65 11.08
CA ASP A 112 -21.38 5.28 11.51
C ASP A 112 -20.88 5.01 12.93
N LEU A 113 -21.33 3.88 13.46
CA LEU A 113 -20.76 3.30 14.70
C LEU A 113 -19.35 2.78 14.38
N SER A 114 -18.52 2.60 15.40
CA SER A 114 -17.16 2.14 15.19
C SER A 114 -16.65 1.21 16.27
N ALA A 115 -15.49 0.61 15.97
CA ALA A 115 -14.75 -0.22 16.90
C ALA A 115 -13.26 -0.01 16.65
N LEU A 116 -12.51 0.21 17.72
CA LEU A 116 -11.07 0.33 17.65
C LEU A 116 -10.41 -0.86 18.36
N VAL A 117 -9.42 -1.43 17.70
CA VAL A 117 -8.64 -2.51 18.27
C VAL A 117 -7.17 -2.17 18.10
N LEU A 118 -6.36 -2.46 19.11
CA LEU A 118 -4.94 -2.23 18.99
C LEU A 118 -4.32 -3.36 18.20
N GLY A 119 -3.36 -3.00 17.35
CA GLY A 119 -2.80 -3.96 16.40
C GLY A 119 -1.93 -5.02 17.03
N ASP A 120 -1.61 -4.87 18.31
CA ASP A 120 -0.79 -5.85 19.03
C ASP A 120 -1.52 -6.61 20.13
N ASN A 121 -2.85 -6.57 20.12
CA ASN A 121 -3.63 -7.30 21.11
C ASN A 121 -4.14 -8.64 20.56
N LEU A 122 -3.93 -9.71 21.33
CA LEU A 122 -4.42 -11.04 20.96
C LEU A 122 -5.44 -11.49 22.00
N TYR A 123 -6.56 -12.01 21.54
CA TYR A 123 -7.60 -12.58 22.41
C TYR A 123 -7.84 -14.05 22.06
N TYR A 124 -8.13 -14.87 23.06
CA TYR A 124 -8.54 -16.27 22.81
C TYR A 124 -9.57 -16.69 23.86
N GLY A 125 -10.63 -17.38 23.41
CA GLY A 125 -11.50 -18.03 24.37
C GLY A 125 -12.85 -18.43 23.82
N HIS A 126 -13.59 -19.15 24.65
CA HIS A 126 -14.82 -19.78 24.21
C HIS A 126 -15.92 -18.76 24.22
N ASP A 127 -16.72 -18.76 23.15
CA ASP A 127 -17.84 -17.81 22.99
C ASP A 127 -17.38 -16.35 22.91
N PHE A 128 -16.16 -16.15 22.43
CA PHE A 128 -15.62 -14.81 22.17
C PHE A 128 -16.51 -14.10 21.15
N HIS A 129 -16.93 -14.83 20.14
CA HIS A 129 -17.91 -14.36 19.16
C HIS A 129 -19.12 -13.74 19.81
N GLU A 130 -19.69 -14.42 20.80
CA GLU A 130 -20.89 -13.94 21.51
C GLU A 130 -20.59 -12.75 22.41
N LEU A 131 -19.44 -12.79 23.10
CA LEU A 131 -18.96 -11.64 23.87
C LEU A 131 -18.83 -10.37 23.00
N LEU A 132 -18.35 -10.52 21.78
CA LEU A 132 -18.18 -9.40 20.85
C LEU A 132 -19.54 -8.95 20.29
N GLY A 133 -20.38 -9.92 19.95
CA GLY A 133 -21.73 -9.67 19.42
C GLY A 133 -22.57 -8.79 20.31
N SER A 134 -22.53 -9.04 21.61
CA SER A 134 -23.33 -8.28 22.55
C SER A 134 -22.84 -6.82 22.72
N ALA A 135 -21.53 -6.61 22.57
CA ALA A 135 -20.98 -5.25 22.53
C ALA A 135 -21.31 -4.56 21.19
N SER A 136 -21.26 -5.31 20.10
CA SER A 136 -21.52 -4.75 18.77
C SER A 136 -22.97 -4.28 18.61
N GLN A 137 -23.91 -4.97 19.26
CA GLN A 137 -25.35 -4.70 19.12
C GLN A 137 -25.81 -3.49 19.95
N ARG A 138 -25.03 -3.12 20.97
CA ARG A 138 -25.27 -1.88 21.72
C ARG A 138 -25.00 -0.68 20.78
N GLN A 139 -26.08 -0.09 20.25
CA GLN A 139 -25.99 0.97 19.24
C GLN A 139 -25.78 2.37 19.82
N THR A 140 -25.77 2.47 21.14
CA THR A 140 -25.57 3.76 21.79
C THR A 140 -24.52 3.63 22.88
N GLY A 141 -23.80 4.71 23.13
CA GLY A 141 -22.76 4.71 24.11
C GLY A 141 -21.53 3.93 23.66
N ALA A 142 -20.73 3.52 24.65
CA ALA A 142 -19.47 2.85 24.43
C ALA A 142 -19.38 1.57 25.26
N SER A 143 -18.64 0.58 24.73
CA SER A 143 -18.38 -0.69 25.43
C SER A 143 -16.90 -1.02 25.43
N VAL A 144 -16.37 -1.30 26.62
CA VAL A 144 -15.02 -1.82 26.81
C VAL A 144 -15.09 -3.10 27.64
N PHE A 145 -13.95 -3.77 27.73
CA PHE A 145 -13.82 -5.02 28.47
C PHE A 145 -12.75 -4.88 29.51
N ALA A 146 -13.03 -5.39 30.70
CA ALA A 146 -12.09 -5.38 31.80
C ALA A 146 -11.58 -6.78 32.08
N TYR A 147 -10.28 -6.90 32.34
CA TYR A 147 -9.63 -8.17 32.48
C TYR A 147 -8.65 -8.15 33.62
N HIS A 148 -8.69 -9.19 34.46
CA HIS A 148 -7.81 -9.29 35.62
C HIS A 148 -6.39 -9.55 35.21
N VAL A 149 -5.48 -8.67 35.60
CA VAL A 149 -4.06 -8.78 35.25
C VAL A 149 -3.22 -8.71 36.53
N LEU A 150 -1.97 -9.18 36.42
CA LEU A 150 -0.98 -9.10 37.51
C LEU A 150 -0.48 -7.67 37.70
N ASP A 151 -0.41 -6.90 36.60
CA ASP A 151 0.27 -5.61 36.60
C ASP A 151 -0.65 -4.51 36.08
N PRO A 152 -1.75 -4.25 36.79
CA PRO A 152 -2.72 -3.27 36.29
C PRO A 152 -2.18 -1.85 36.14
N GLU A 153 -1.12 -1.52 36.87
CA GLU A 153 -0.41 -0.23 36.76
C GLU A 153 0.07 0.12 35.34
N ARG A 154 0.21 -0.89 34.45
CA ARG A 154 0.60 -0.64 33.06
C ARG A 154 -0.54 -0.18 32.16
N TYR A 155 -1.78 -0.21 32.66
CA TYR A 155 -2.95 -0.02 31.83
C TYR A 155 -3.93 1.03 32.33
N GLY A 156 -4.97 1.23 31.54
CA GLY A 156 -6.19 1.85 32.05
C GLY A 156 -6.81 0.89 33.05
N VAL A 157 -7.12 1.37 34.26
CA VAL A 157 -7.65 0.54 35.33
C VAL A 157 -9.06 0.98 35.68
N VAL A 158 -9.97 0.02 35.84
CA VAL A 158 -11.34 0.32 36.17
C VAL A 158 -11.63 -0.10 37.61
N GLU A 159 -12.35 0.78 38.32
CA GLU A 159 -12.73 0.53 39.71
C GLU A 159 -14.23 0.31 39.74
N PHE A 160 -14.64 -0.63 40.58
CA PHE A 160 -16.02 -1.02 40.71
C PHE A 160 -16.48 -0.82 42.15
N ASP A 161 -17.74 -0.46 42.33
CA ASP A 161 -18.35 -0.45 43.66
C ASP A 161 -18.77 -1.87 44.07
N GLN A 162 -19.37 -2.02 45.25
CA GLN A 162 -19.74 -3.35 45.76
C GLN A 162 -20.83 -4.04 44.93
N GLY A 163 -21.60 -3.25 44.18
CA GLY A 163 -22.61 -3.80 43.29
C GLY A 163 -22.09 -4.25 41.93
N GLY A 164 -20.80 -4.05 41.68
CA GLY A 164 -20.18 -4.42 40.41
C GLY A 164 -20.20 -3.34 39.33
N LYS A 165 -20.60 -2.13 39.70
CA LYS A 165 -20.73 -1.03 38.76
C LYS A 165 -19.40 -0.27 38.64
N ALA A 166 -18.99 0.03 37.41
CA ALA A 166 -17.76 0.81 37.18
C ALA A 166 -17.96 2.24 37.67
N ILE A 167 -17.06 2.73 38.52
CA ILE A 167 -17.17 4.09 39.08
C ILE A 167 -16.00 5.02 38.82
N SER A 168 -14.85 4.47 38.43
CA SER A 168 -13.72 5.30 37.99
C SER A 168 -12.79 4.58 37.00
N LEU A 169 -12.07 5.39 36.22
CA LEU A 169 -11.05 4.92 35.30
C LEU A 169 -9.81 5.74 35.51
N GLU A 170 -8.68 5.06 35.62
CA GLU A 170 -7.39 5.74 35.80
C GLU A 170 -6.39 5.16 34.82
N GLU A 171 -5.63 6.03 34.16
CA GLU A 171 -4.62 5.63 33.20
C GLU A 171 -3.31 5.44 33.94
N LYS A 172 -2.83 4.19 33.96
CA LYS A 172 -1.55 3.84 34.57
C LYS A 172 -1.36 4.33 36.02
N PRO A 173 -2.30 4.01 36.92
CA PRO A 173 -2.15 4.51 38.30
C PRO A 173 -1.00 3.79 39.01
N LEU A 174 -0.23 4.54 39.80
CA LEU A 174 0.80 3.94 40.65
C LEU A 174 0.23 3.04 41.72
N GLU A 175 -1.00 3.33 42.16
CA GLU A 175 -1.69 2.51 43.18
C GLU A 175 -3.08 2.13 42.67
N PRO A 176 -3.15 1.07 41.83
CA PRO A 176 -4.37 0.71 41.15
C PRO A 176 -5.49 0.38 42.14
N LYS A 177 -6.69 0.81 41.80
CA LYS A 177 -7.85 0.60 42.64
C LYS A 177 -8.36 -0.83 42.50
N SER A 178 -7.97 -1.51 41.43
CA SER A 178 -8.27 -2.94 41.25
C SER A 178 -7.22 -3.57 40.32
N ASN A 179 -7.37 -4.86 40.07
CA ASN A 179 -6.48 -5.55 39.13
C ASN A 179 -7.15 -5.67 37.76
N TYR A 180 -8.21 -4.89 37.52
CA TYR A 180 -8.95 -4.94 36.26
C TYR A 180 -8.48 -3.88 35.27
N ALA A 181 -7.80 -4.34 34.23
CA ALA A 181 -7.32 -3.50 33.13
C ALA A 181 -8.36 -3.45 32.03
N VAL A 182 -8.45 -2.30 31.38
CA VAL A 182 -9.24 -2.15 30.16
C VAL A 182 -8.46 -2.69 28.96
N THR A 183 -9.03 -3.66 28.24
CA THR A 183 -8.31 -4.30 27.13
C THR A 183 -8.32 -3.38 25.89
N GLY A 184 -7.51 -3.71 24.89
CA GLY A 184 -7.35 -2.85 23.71
C GLY A 184 -8.37 -3.15 22.62
N LEU A 185 -9.63 -3.20 23.04
CA LEU A 185 -10.74 -3.38 22.14
C LEU A 185 -11.88 -2.49 22.63
N TYR A 186 -12.35 -1.59 21.77
CA TYR A 186 -13.28 -0.54 22.18
C TYR A 186 -14.36 -0.34 21.14
N PHE A 187 -15.62 -0.34 21.59
CA PHE A 187 -16.77 -0.14 20.73
C PHE A 187 -17.40 1.25 21.03
N TYR A 188 -17.66 2.03 19.98
CA TYR A 188 -18.15 3.42 20.13
C TYR A 188 -19.36 3.74 19.27
N ASP A 189 -20.19 4.66 19.75
CA ASP A 189 -21.29 5.19 18.97
C ASP A 189 -20.80 6.37 18.16
N GLN A 190 -21.73 7.13 17.58
CA GLN A 190 -21.40 8.29 16.73
C GLN A 190 -20.87 9.53 17.46
N GLN A 191 -20.74 9.48 18.78
CA GLN A 191 -20.21 10.62 19.56
C GLN A 191 -18.69 10.66 19.70
N VAL A 192 -18.01 9.55 19.38
CA VAL A 192 -16.58 9.44 19.67
C VAL A 192 -15.67 10.44 18.94
N VAL A 193 -15.96 10.72 17.67
CA VAL A 193 -15.13 11.66 16.93
C VAL A 193 -15.18 13.07 17.59
N ASP A 194 -16.37 13.55 17.94
CA ASP A 194 -16.52 14.85 18.64
C ASP A 194 -15.84 14.90 20.01
N ILE A 195 -15.93 13.81 20.77
CA ILE A 195 -15.21 13.71 22.05
C ILE A 195 -13.70 13.76 21.83
N ALA A 196 -13.22 13.01 20.84
CA ALA A 196 -11.80 13.00 20.51
C ALA A 196 -11.33 14.38 20.04
N ARG A 197 -12.13 15.09 19.26
CA ARG A 197 -11.72 16.40 18.78
C ARG A 197 -11.50 17.40 19.91
N ASP A 198 -12.25 17.25 21.00
CA ASP A 198 -12.15 18.17 22.15
C ASP A 198 -11.11 17.75 23.20
N LEU A 199 -10.46 16.61 23.00
CA LEU A 199 -9.39 16.17 23.91
C LEU A 199 -8.17 17.09 23.81
N LYS A 200 -7.57 17.39 24.96
CA LYS A 200 -6.27 18.06 25.00
C LYS A 200 -5.21 17.02 25.35
N PRO A 201 -3.98 17.20 24.84
CA PRO A 201 -2.92 16.25 25.19
C PRO A 201 -2.67 16.16 26.70
N SER A 202 -2.34 14.94 27.16
CA SER A 202 -2.01 14.69 28.56
C SER A 202 -0.58 15.19 28.82
N PRO A 203 -0.13 15.16 30.10
CA PRO A 203 1.24 15.55 30.41
C PRO A 203 2.35 14.81 29.64
N ARG A 204 2.03 13.66 29.04
CA ARG A 204 2.97 12.91 28.20
C ARG A 204 2.86 13.26 26.72
N GLY A 205 1.98 14.20 26.38
CA GLY A 205 1.84 14.66 25.01
C GLY A 205 1.03 13.70 24.15
N GLU A 206 0.13 12.94 24.77
CA GLU A 206 -0.68 11.95 24.06
C GLU A 206 -2.17 12.22 24.19
N LEU A 207 -2.92 11.95 23.12
CA LEU A 207 -4.38 11.95 23.20
C LEU A 207 -4.83 10.58 23.73
N GLU A 208 -5.28 10.56 24.98
CA GLU A 208 -5.52 9.32 25.74
C GLU A 208 -6.88 8.69 25.48
N ILE A 209 -6.90 7.40 25.15
CA ILE A 209 -8.16 6.67 25.00
C ILE A 209 -8.92 6.64 26.33
N THR A 210 -8.19 6.58 27.45
CA THR A 210 -8.82 6.58 28.78
C THR A 210 -9.65 7.84 29.03
N ASP A 211 -9.18 8.97 28.48
CA ASP A 211 -9.95 10.22 28.56
C ASP A 211 -11.24 10.12 27.75
N VAL A 212 -11.18 9.47 26.58
CA VAL A 212 -12.39 9.20 25.80
C VAL A 212 -13.35 8.36 26.61
N ASN A 213 -12.84 7.30 27.23
CA ASN A 213 -13.71 6.36 27.95
C ASN A 213 -14.34 7.00 29.18
N ARG A 214 -13.58 7.89 29.84
CA ARG A 214 -14.09 8.61 30.99
C ARG A 214 -15.21 9.60 30.60
N ALA A 215 -15.10 10.18 29.41
CA ALA A 215 -16.17 11.04 28.89
C ALA A 215 -17.47 10.27 28.78
N TYR A 216 -17.43 9.03 28.26
CA TYR A 216 -18.63 8.20 28.21
C TYR A 216 -19.09 7.83 29.64
N LEU A 217 -18.14 7.51 30.50
CA LEU A 217 -18.46 7.14 31.88
C LEU A 217 -19.27 8.27 32.58
N GLU A 218 -18.80 9.50 32.46
CA GLU A 218 -19.45 10.66 33.13
C GLU A 218 -20.88 10.90 32.63
N ARG A 219 -21.16 10.53 31.37
CA ARG A 219 -22.50 10.64 30.81
C ARG A 219 -23.35 9.40 31.06
N GLY A 220 -22.86 8.47 31.88
CA GLY A 220 -23.57 7.20 32.13
C GLY A 220 -23.71 6.33 30.89
N GLN A 221 -22.79 6.46 29.93
CA GLN A 221 -22.90 5.69 28.68
C GLN A 221 -21.72 4.74 28.42
N LEU A 222 -20.99 4.37 29.47
CA LEU A 222 -19.92 3.38 29.37
C LEU A 222 -20.38 2.07 29.96
N SER A 223 -20.44 1.06 29.11
CA SER A 223 -20.58 -0.33 29.55
C SER A 223 -19.20 -0.98 29.70
N VAL A 224 -18.93 -1.48 30.90
CA VAL A 224 -17.72 -2.24 31.20
C VAL A 224 -18.12 -3.68 31.44
N GLU A 225 -17.88 -4.53 30.44
CA GLU A 225 -18.13 -5.97 30.57
C GLU A 225 -16.85 -6.69 31.04
N ILE A 226 -17.00 -7.64 31.97
CA ILE A 226 -15.89 -8.41 32.44
C ILE A 226 -15.50 -9.43 31.36
N MET A 227 -14.22 -9.47 30.99
CA MET A 227 -13.70 -10.56 30.20
C MET A 227 -13.09 -11.49 31.25
N GLY A 228 -13.74 -12.64 31.43
CA GLY A 228 -13.41 -13.59 32.52
C GLY A 228 -12.08 -14.29 32.39
N ARG A 229 -11.66 -14.93 33.48
CA ARG A 229 -10.31 -15.52 33.53
C ARG A 229 -10.16 -16.71 32.58
N GLY A 230 -11.27 -17.26 32.10
CA GLY A 230 -11.25 -18.34 31.10
C GLY A 230 -10.93 -17.85 29.69
N TYR A 231 -10.79 -16.54 29.51
CA TYR A 231 -10.26 -15.93 28.30
C TYR A 231 -8.78 -15.59 28.46
N ALA A 232 -8.02 -15.73 27.36
CA ALA A 232 -6.63 -15.26 27.32
C ALA A 232 -6.58 -13.94 26.60
N TRP A 233 -6.11 -12.90 27.28
CA TRP A 233 -5.80 -11.64 26.61
C TRP A 233 -4.32 -11.51 26.73
N LEU A 234 -3.63 -11.65 25.60
CA LEU A 234 -2.19 -11.55 25.58
C LEU A 234 -1.87 -10.17 24.89
N ASP A 235 -0.92 -9.46 25.42
CA ASP A 235 -0.27 -8.48 24.58
C ASP A 235 1.23 -8.82 24.55
N THR A 236 1.83 -8.10 23.67
CA THR A 236 3.09 -8.41 23.17
C THR A 236 3.91 -7.18 23.50
N GLY A 237 3.82 -6.71 24.74
CA GLY A 237 4.54 -5.49 25.17
C GLY A 237 6.03 -5.61 25.44
N THR A 238 6.51 -6.84 25.68
CA THR A 238 7.94 -7.10 25.87
C THR A 238 8.41 -8.28 24.99
N HIS A 239 9.73 -8.41 24.82
CA HIS A 239 10.30 -9.57 24.12
C HIS A 239 9.89 -10.87 24.78
N ASP A 240 9.87 -10.89 26.11
CA ASP A 240 9.42 -12.08 26.87
C ASP A 240 7.97 -12.43 26.58
N SER A 241 7.08 -11.44 26.63
CA SER A 241 5.66 -11.68 26.45
C SER A 241 5.34 -12.05 24.98
N LEU A 242 6.05 -11.46 24.04
CA LEU A 242 5.95 -11.85 22.61
C LEU A 242 6.22 -13.37 22.42
N LEU A 243 7.30 -13.83 23.04
CA LEU A 243 7.70 -15.22 23.02
C LEU A 243 6.67 -16.14 23.66
N GLU A 244 6.13 -15.71 24.81
CA GLU A 244 5.07 -16.45 25.48
C GLU A 244 3.81 -16.51 24.65
N ALA A 245 3.49 -15.43 23.94
CA ALA A 245 2.32 -15.43 23.06
C ALA A 245 2.47 -16.45 21.90
N GLY A 246 3.63 -16.48 21.28
CA GLY A 246 3.97 -17.49 20.25
C GLY A 246 3.80 -18.92 20.76
N GLN A 247 4.32 -19.20 21.96
CA GLN A 247 4.26 -20.53 22.57
CA GLN A 247 4.24 -20.54 22.56
C GLN A 247 2.83 -20.92 22.89
N PHE A 248 2.04 -19.94 23.36
CA PHE A 248 0.63 -20.14 23.69
C PHE A 248 -0.16 -20.57 22.45
N ILE A 249 -0.02 -19.81 21.36
CA ILE A 249 -0.73 -20.08 20.13
C ILE A 249 -0.31 -21.45 19.55
N ALA A 250 0.99 -21.72 19.51
CA ALA A 250 1.54 -22.97 19.00
C ALA A 250 1.02 -24.20 19.76
N THR A 251 0.98 -24.10 21.08
CA THR A 251 0.42 -25.19 21.91
C THR A 251 -1.06 -25.48 21.57
N LEU A 252 -1.87 -24.44 21.43
CA LEU A 252 -3.26 -24.60 21.07
C LEU A 252 -3.42 -25.20 19.67
N GLU A 253 -2.70 -24.65 18.70
CA GLU A 253 -2.87 -25.08 17.28
C GLU A 253 -2.35 -26.49 17.05
N ASN A 254 -1.22 -26.82 17.67
CA ASN A 254 -0.66 -28.14 17.56
C ASN A 254 -1.44 -29.22 18.32
N ARG A 255 -2.14 -28.82 19.37
CA ARG A 255 -3.05 -29.71 20.07
C ARG A 255 -4.31 -29.98 19.26
N GLN A 256 -4.92 -28.91 18.78
CA GLN A 256 -6.25 -28.99 18.15
C GLN A 256 -6.26 -29.36 16.67
N GLY A 257 -5.17 -29.07 15.97
CA GLY A 257 -5.15 -29.07 14.51
C GLY A 257 -6.09 -28.02 13.94
N LEU A 258 -6.36 -26.97 14.72
CA LEU A 258 -7.18 -25.83 14.30
C LEU A 258 -6.37 -24.57 14.57
N LYS A 259 -6.55 -23.55 13.73
CA LYS A 259 -5.81 -22.31 13.87
C LYS A 259 -6.60 -21.24 14.65
N VAL A 260 -5.86 -20.39 15.35
CA VAL A 260 -6.39 -19.20 15.95
C VAL A 260 -6.12 -18.04 14.98
N ALA A 261 -7.17 -17.28 14.65
CA ALA A 261 -7.06 -16.03 13.88
C ALA A 261 -6.51 -16.28 12.48
N CYS A 262 -7.07 -17.30 11.84
CA CYS A 262 -6.93 -17.48 10.42
C CYS A 262 -8.05 -16.70 9.72
N PRO A 263 -7.72 -15.55 9.09
CA PRO A 263 -8.76 -14.70 8.52
C PRO A 263 -9.59 -15.39 7.43
N GLU A 264 -8.93 -16.21 6.63
CA GLU A 264 -9.61 -16.94 5.56
C GLU A 264 -10.68 -17.86 6.14
N GLU A 265 -10.32 -18.58 7.19
CA GLU A 265 -11.29 -19.43 7.87
C GLU A 265 -12.45 -18.63 8.42
N ILE A 266 -12.16 -17.52 9.08
CA ILE A 266 -13.22 -16.74 9.69
C ILE A 266 -14.17 -16.20 8.61
N ALA A 267 -13.60 -15.68 7.52
CA ALA A 267 -14.44 -15.16 6.43
C ALA A 267 -15.34 -16.27 5.84
N TYR A 268 -14.80 -17.47 5.69
CA TYR A 268 -15.53 -18.63 5.16
C TYR A 268 -16.68 -19.01 6.11
N ARG A 269 -16.41 -18.99 7.41
CA ARG A 269 -17.43 -19.35 8.40
C ARG A 269 -18.49 -18.28 8.60
N GLN A 270 -18.13 -17.01 8.34
CA GLN A 270 -19.11 -15.91 8.36
C GLN A 270 -19.92 -15.87 7.04
N LYS A 271 -19.58 -16.71 6.07
CA LYS A 271 -20.19 -16.74 4.73
C LYS A 271 -19.84 -15.52 3.88
N TRP A 272 -18.71 -14.88 4.17
CA TRP A 272 -18.27 -13.71 3.40
C TRP A 272 -17.53 -14.12 2.17
N ILE A 273 -16.95 -15.30 2.20
CA ILE A 273 -16.41 -15.94 1.01
C ILE A 273 -16.95 -17.35 0.97
N ASP A 274 -17.02 -17.93 -0.23
CA ASP A 274 -17.57 -19.27 -0.39
C ASP A 274 -16.48 -20.28 -0.62
N ALA A 275 -16.88 -21.54 -0.80
CA ALA A 275 -15.93 -22.66 -0.97
C ALA A 275 -14.94 -22.47 -2.11
N ALA A 276 -15.44 -22.00 -3.25
CA ALA A 276 -14.61 -21.85 -4.45
C ALA A 276 -13.57 -20.75 -4.24
N GLN A 277 -13.95 -19.67 -3.57
CA GLN A 277 -12.99 -18.61 -3.22
C GLN A 277 -11.94 -19.11 -2.23
N LEU A 278 -12.35 -19.87 -1.22
CA LEU A 278 -11.42 -20.44 -0.26
C LEU A 278 -10.43 -21.39 -0.92
N GLU A 279 -10.93 -22.22 -1.84
CA GLU A 279 -10.07 -23.13 -2.62
C GLU A 279 -9.00 -22.36 -3.38
N LYS A 280 -9.38 -21.25 -4.00
CA LYS A 280 -8.42 -20.38 -4.73
C LYS A 280 -7.37 -19.75 -3.81
N LEU A 281 -7.80 -19.34 -2.62
CA LEU A 281 -6.87 -18.82 -1.61
C LEU A 281 -5.88 -19.88 -1.11
N ALA A 282 -6.32 -21.14 -1.07
CA ALA A 282 -5.44 -22.23 -0.64
C ALA A 282 -4.32 -22.51 -1.65
N ALA A 283 -4.61 -22.29 -2.93
CA ALA A 283 -3.67 -22.65 -4.03
C ALA A 283 -2.23 -22.12 -3.86
N PRO A 284 -2.04 -20.80 -3.72
CA PRO A 284 -0.67 -20.28 -3.55
C PRO A 284 0.13 -20.86 -2.38
N LEU A 285 -0.56 -21.26 -1.31
CA LEU A 285 0.09 -21.78 -0.10
C LEU A 285 0.03 -23.32 0.04
N ALA A 286 -0.28 -24.01 -1.05
CA ALA A 286 -0.57 -25.45 -1.02
C ALA A 286 0.58 -26.35 -0.55
N LYS A 287 1.81 -25.89 -0.68
CA LYS A 287 2.99 -26.68 -0.29
C LYS A 287 3.44 -26.45 1.16
N ASN A 288 2.75 -25.56 1.89
CA ASN A 288 2.99 -25.40 3.32
C ASN A 288 1.75 -25.72 4.15
N GLY A 289 1.92 -25.79 5.46
CA GLY A 289 0.85 -26.18 6.39
C GLY A 289 -0.35 -25.24 6.39
N TYR A 290 -0.11 -23.96 6.13
CA TYR A 290 -1.20 -22.98 6.14
C TYR A 290 -2.19 -23.24 5.00
N GLY A 291 -1.68 -23.41 3.78
CA GLY A 291 -2.54 -23.74 2.63
C GLY A 291 -3.17 -25.12 2.74
N GLN A 292 -2.45 -26.07 3.32
CA GLN A 292 -3.01 -27.42 3.56
C GLN A 292 -4.17 -27.32 4.54
N TYR A 293 -4.02 -26.43 5.52
CA TYR A 293 -5.10 -26.17 6.48
C TYR A 293 -6.34 -25.59 5.80
N LEU A 294 -6.16 -24.58 4.97
CA LEU A 294 -7.29 -23.98 4.24
C LEU A 294 -8.03 -25.01 3.34
N LYS A 295 -7.26 -25.88 2.70
CA LYS A 295 -7.80 -26.97 1.88
C LYS A 295 -8.63 -27.93 2.72
N ARG A 296 -8.06 -28.40 3.83
CA ARG A 296 -8.83 -29.25 4.78
C ARG A 296 -10.15 -28.64 5.24
N LEU A 297 -10.19 -27.32 5.43
CA LEU A 297 -11.43 -26.63 5.84
C LEU A 297 -12.61 -26.84 4.87
N LEU A 298 -12.31 -27.13 3.60
CA LEU A 298 -13.36 -27.32 2.58
C LEU A 298 -14.23 -28.57 2.79
N THR A 299 -13.64 -29.61 3.36
CA THR A 299 -14.33 -30.90 3.51
C THR A 299 -14.60 -31.35 4.95
N GLU A 300 -14.05 -30.65 5.94
CA GLU A 300 -14.24 -31.04 7.33
C GLU A 300 -15.34 -30.22 7.98
N THR A 301 -16.19 -30.89 8.75
CA THR A 301 -17.15 -30.20 9.63
C THR A 301 -16.47 -29.92 10.98
N VAL A 302 -16.42 -28.66 11.38
CA VAL A 302 -15.84 -28.26 12.67
C VAL A 302 -16.90 -27.52 13.44
N TYR A 303 -17.24 -28.01 14.63
CA TYR A 303 -18.29 -27.40 15.46
C TYR A 303 -17.73 -26.24 16.30
N MET B 11 47.08 -13.22 4.84
CA MET B 11 46.04 -12.63 3.94
C MET B 11 44.78 -12.32 4.74
N LYS B 12 44.07 -11.28 4.31
CA LYS B 12 42.79 -10.97 4.91
C LYS B 12 41.64 -11.80 4.34
N ARG B 13 40.63 -11.94 5.16
CA ARG B 13 39.47 -12.73 4.84
C ARG B 13 38.24 -11.85 4.86
N LYS B 14 37.46 -11.88 3.77
CA LYS B 14 36.23 -11.11 3.65
C LYS B 14 35.07 -12.01 4.02
N GLY B 15 33.98 -11.43 4.50
CA GLY B 15 32.81 -12.20 4.89
C GLY B 15 31.63 -11.95 3.96
N ILE B 16 30.80 -12.97 3.81
CA ILE B 16 29.54 -12.82 3.11
C ILE B 16 28.42 -13.41 3.95
N ILE B 17 27.33 -12.64 4.10
CA ILE B 17 26.11 -13.13 4.72
C ILE B 17 25.05 -13.31 3.64
N LEU B 18 24.62 -14.54 3.42
CA LEU B 18 23.56 -14.81 2.47
C LEU B 18 22.21 -14.77 3.21
N ALA B 19 21.47 -13.68 3.02
CA ALA B 19 20.16 -13.48 3.64
C ALA B 19 19.11 -13.38 2.58
N GLY B 20 18.95 -14.47 1.82
CA GLY B 20 18.04 -14.52 0.69
C GLY B 20 16.66 -15.07 1.00
N GLY B 21 15.89 -15.32 -0.06
CA GLY B 21 14.50 -15.69 0.08
C GLY B 21 14.31 -17.10 0.63
N SER B 22 13.35 -17.26 1.54
CA SER B 22 12.92 -18.60 2.01
C SER B 22 11.65 -19.05 1.26
N GLY B 23 11.54 -18.59 0.02
CA GLY B 23 10.35 -18.80 -0.81
C GLY B 23 9.06 -18.52 -0.07
N THR B 24 8.12 -19.45 -0.17
CA THR B 24 6.82 -19.36 0.47
C THR B 24 6.72 -20.25 1.71
N ARG B 25 7.83 -20.87 2.10
CA ARG B 25 7.80 -21.94 3.09
C ARG B 25 7.22 -21.52 4.46
N LEU B 26 7.48 -20.29 4.87
CA LEU B 26 7.01 -19.78 6.17
C LEU B 26 5.90 -18.71 6.02
N HIS B 27 5.31 -18.60 4.84
CA HIS B 27 4.16 -17.72 4.63
C HIS B 27 2.98 -18.24 5.44
N PRO B 28 2.13 -17.33 5.97
CA PRO B 28 2.12 -15.89 5.74
C PRO B 28 3.02 -15.07 6.69
N ALA B 29 3.70 -15.70 7.64
CA ALA B 29 4.57 -14.99 8.58
C ALA B 29 5.62 -14.17 7.86
N THR B 30 6.17 -14.72 6.79
CA THR B 30 7.22 -14.05 6.03
C THR B 30 6.73 -13.36 4.75
N LEU B 31 5.42 -13.17 4.60
CA LEU B 31 4.88 -12.42 3.46
C LEU B 31 5.36 -10.98 3.40
N ALA B 32 5.30 -10.32 4.55
CA ALA B 32 5.60 -8.90 4.66
C ALA B 32 7.08 -8.58 4.62
N ILE B 33 7.89 -9.45 5.23
CA ILE B 33 9.32 -9.17 5.38
C ILE B 33 10.16 -10.45 5.38
N SER B 34 11.42 -10.27 5.04
CA SER B 34 12.39 -11.37 4.99
C SER B 34 12.57 -11.99 6.34
N LYS B 35 12.72 -13.31 6.31
CA LYS B 35 12.99 -14.08 7.50
C LYS B 35 14.14 -13.50 8.33
N GLN B 36 15.21 -13.05 7.68
CA GLN B 36 16.44 -12.65 8.41
C GLN B 36 16.35 -11.27 9.04
N LEU B 37 15.24 -10.60 8.78
CA LEU B 37 14.92 -9.38 9.52
C LEU B 37 13.96 -9.62 10.71
N LEU B 38 13.38 -10.80 10.83
CA LEU B 38 12.56 -11.13 11.97
C LEU B 38 13.43 -11.23 13.24
N PRO B 39 12.88 -10.87 14.41
CA PRO B 39 13.70 -10.99 15.62
C PRO B 39 13.83 -12.41 16.10
N VAL B 40 14.99 -12.74 16.65
CA VAL B 40 15.12 -13.93 17.48
C VAL B 40 15.31 -13.39 18.89
N TYR B 41 14.27 -13.59 19.70
CA TYR B 41 14.10 -12.94 21.02
C TYR B 41 14.14 -11.41 20.95
N ASP B 42 15.32 -10.81 21.06
CA ASP B 42 15.43 -9.35 21.27
C ASP B 42 16.19 -8.61 20.18
N LYS B 43 16.62 -9.31 19.13
CA LYS B 43 17.36 -8.66 18.07
C LYS B 43 17.12 -9.32 16.71
N PRO B 44 17.29 -8.55 15.62
CA PRO B 44 17.03 -9.13 14.30
C PRO B 44 17.89 -10.34 14.05
N MET B 45 17.32 -11.31 13.34
CA MET B 45 18.00 -12.56 13.10
C MET B 45 19.42 -12.36 12.57
N ILE B 46 19.59 -11.41 11.66
CA ILE B 46 20.87 -11.24 10.97
C ILE B 46 22.02 -10.81 11.90
N TYR B 47 21.68 -10.23 13.05
CA TYR B 47 22.68 -9.92 14.09
C TYR B 47 23.51 -11.16 14.49
N TYR B 48 22.88 -12.32 14.47
CA TYR B 48 23.56 -13.55 14.93
C TYR B 48 24.67 -14.05 13.97
N PRO B 49 24.37 -14.30 12.68
CA PRO B 49 25.48 -14.57 11.73
C PRO B 49 26.46 -13.44 11.55
N LEU B 50 25.99 -12.18 11.61
CA LEU B 50 26.89 -11.03 11.54
C LEU B 50 27.90 -11.09 12.68
N SER B 51 27.40 -11.32 13.89
CA SER B 51 28.23 -11.50 15.06
C SER B 51 29.19 -12.69 14.92
N THR B 52 28.74 -13.75 14.28
CA THR B 52 29.60 -14.90 14.01
C THR B 52 30.82 -14.51 13.15
N LEU B 53 30.58 -13.78 12.06
CA LEU B 53 31.67 -13.29 11.25
C LEU B 53 32.63 -12.40 12.05
N MET B 54 32.07 -11.51 12.86
CA MET B 54 32.86 -10.59 13.67
C MET B 54 33.74 -11.36 14.65
N LEU B 55 33.17 -12.40 15.25
CA LEU B 55 33.89 -13.25 16.19
C LEU B 55 35.07 -13.94 15.53
N ALA B 56 34.93 -14.26 14.24
CA ALA B 56 36.03 -14.79 13.42
C ALA B 56 37.06 -13.72 13.01
N GLY B 57 36.91 -12.48 13.48
CA GLY B 57 37.85 -11.40 13.16
C GLY B 57 37.59 -10.74 11.80
N ILE B 58 36.45 -11.03 11.19
CA ILE B 58 36.12 -10.50 9.87
C ILE B 58 35.38 -9.13 9.97
N ARG B 59 35.93 -8.11 9.32
CA ARG B 59 35.41 -6.73 9.36
C ARG B 59 34.79 -6.24 8.05
N GLU B 60 35.20 -6.84 6.93
CA GLU B 60 34.71 -6.43 5.61
C GLU B 60 33.72 -7.47 5.14
N ILE B 61 32.46 -7.07 5.05
CA ILE B 61 31.34 -8.01 4.95
C ILE B 61 30.32 -7.59 3.89
N LEU B 62 29.98 -8.52 3.00
CA LEU B 62 28.97 -8.32 1.98
C LEU B 62 27.66 -9.00 2.39
N ILE B 63 26.60 -8.20 2.42
CA ILE B 63 25.27 -8.69 2.75
C ILE B 63 24.48 -8.84 1.45
N ILE B 64 24.09 -10.09 1.19
CA ILE B 64 23.30 -10.43 0.05
C ILE B 64 21.87 -10.79 0.46
N SER B 65 20.90 -10.13 -0.17
CA SER B 65 19.50 -10.32 0.09
C SER B 65 18.69 -10.20 -1.19
N THR B 66 17.37 -10.29 -1.07
CA THR B 66 16.50 -10.12 -2.20
C THR B 66 16.47 -8.64 -2.63
N PRO B 67 16.06 -8.39 -3.87
CA PRO B 67 15.94 -6.98 -4.32
C PRO B 67 15.04 -6.14 -3.44
N GLN B 68 13.95 -6.73 -2.95
CA GLN B 68 12.97 -6.02 -2.16
C GLN B 68 13.52 -5.61 -0.79
N ASP B 69 14.29 -6.51 -0.17
CA ASP B 69 14.67 -6.32 1.24
C ASP B 69 16.06 -5.69 1.45
N THR B 70 16.87 -5.60 0.39
CA THR B 70 18.17 -4.95 0.50
C THR B 70 18.16 -3.56 1.19
N PRO B 71 17.26 -2.65 0.76
CA PRO B 71 17.23 -1.34 1.44
C PRO B 71 16.88 -1.43 2.92
N ARG B 72 16.14 -2.45 3.32
CA ARG B 72 15.82 -2.64 4.72
C ARG B 72 17.03 -3.14 5.52
N PHE B 73 17.82 -4.05 4.95
CA PHE B 73 19.11 -4.42 5.56
C PHE B 73 20.03 -3.17 5.64
N GLN B 74 20.04 -2.37 4.58
CA GLN B 74 20.82 -1.13 4.55
C GLN B 74 20.37 -0.13 5.62
N GLN B 75 19.07 0.04 5.77
CA GLN B 75 18.54 0.95 6.80
C GLN B 75 18.94 0.50 8.21
N LEU B 76 18.89 -0.81 8.44
CA LEU B 76 19.24 -1.39 9.72
C LEU B 76 20.74 -1.26 10.03
N LEU B 77 21.57 -1.72 9.08
CA LEU B 77 22.99 -1.91 9.34
C LEU B 77 23.90 -0.76 8.86
N GLY B 78 23.44 0.05 7.90
CA GLY B 78 24.25 1.12 7.35
C GLY B 78 25.52 0.61 6.68
N ASP B 79 26.59 1.42 6.69
CA ASP B 79 27.86 1.00 6.11
C ASP B 79 28.78 0.28 7.09
N GLY B 80 28.31 0.08 8.32
CA GLY B 80 29.05 -0.64 9.34
C GLY B 80 29.98 0.22 10.17
N SER B 81 30.28 1.43 9.69
CA SER B 81 31.31 2.28 10.30
C SER B 81 31.06 2.58 11.79
N ASN B 82 29.79 2.65 12.19
CA ASN B 82 29.43 2.80 13.60
C ASN B 82 29.94 1.65 14.47
N TRP B 83 30.19 0.49 13.87
CA TRP B 83 30.65 -0.70 14.59
C TRP B 83 32.04 -1.15 14.18
N GLY B 84 32.80 -0.29 13.51
CA GLY B 84 34.16 -0.65 13.09
C GLY B 84 34.22 -1.66 11.95
N LEU B 85 33.10 -1.75 11.21
CA LEU B 85 32.99 -2.65 10.09
C LEU B 85 32.91 -1.87 8.78
N ASP B 86 33.03 -2.58 7.67
CA ASP B 86 32.86 -2.00 6.34
C ASP B 86 31.90 -2.92 5.63
N LEU B 87 30.63 -2.51 5.61
CA LEU B 87 29.58 -3.33 5.05
C LEU B 87 29.24 -2.87 3.65
N GLN B 88 29.12 -3.82 2.74
CA GLN B 88 28.60 -3.60 1.40
C GLN B 88 27.40 -4.52 1.15
N TYR B 89 26.67 -4.22 0.08
CA TYR B 89 25.40 -4.88 -0.19
C TYR B 89 25.27 -5.33 -1.64
N ALA B 90 24.60 -6.45 -1.83
CA ALA B 90 24.33 -6.96 -3.17
C ALA B 90 23.03 -7.76 -3.16
N VAL B 91 22.47 -8.01 -4.34
CA VAL B 91 21.16 -8.65 -4.45
C VAL B 91 21.24 -10.05 -5.05
N GLN B 92 20.33 -10.91 -4.63
CA GLN B 92 20.09 -12.21 -5.31
C GLN B 92 18.66 -12.16 -5.84
N PRO B 93 18.49 -11.95 -7.17
CA PRO B 93 17.16 -11.79 -7.79
C PRO B 93 16.23 -12.96 -7.58
N SER B 94 16.80 -14.17 -7.63
CA SER B 94 16.04 -15.42 -7.47
C SER B 94 16.82 -16.44 -6.62
N PRO B 95 16.12 -17.22 -5.79
CA PRO B 95 16.85 -18.17 -4.95
C PRO B 95 17.36 -19.38 -5.76
N ASP B 96 18.45 -19.16 -6.51
CA ASP B 96 19.02 -20.16 -7.41
C ASP B 96 20.22 -20.90 -6.81
N GLY B 97 20.34 -20.89 -5.49
CA GLY B 97 21.35 -21.70 -4.81
C GLY B 97 22.37 -20.89 -4.01
N LEU B 98 22.89 -21.50 -2.96
CA LEU B 98 23.78 -20.82 -2.02
C LEU B 98 25.12 -20.50 -2.67
N ALA B 99 25.53 -21.33 -3.62
CA ALA B 99 26.80 -21.13 -4.32
C ALA B 99 26.79 -19.87 -5.16
N GLN B 100 25.60 -19.41 -5.53
CA GLN B 100 25.45 -18.14 -6.25
C GLN B 100 26.08 -16.96 -5.51
N ALA B 101 26.23 -17.08 -4.19
CA ALA B 101 26.85 -16.02 -3.37
C ALA B 101 28.23 -15.63 -3.88
N PHE B 102 28.95 -16.61 -4.39
CA PHE B 102 30.30 -16.39 -4.86
C PHE B 102 30.39 -15.72 -6.23
N LEU B 103 29.34 -15.83 -7.03
CA LEU B 103 29.27 -15.16 -8.33
C LEU B 103 28.81 -13.71 -8.12
N ILE B 104 27.73 -13.54 -7.37
CA ILE B 104 27.28 -12.21 -6.96
C ILE B 104 28.39 -11.49 -6.20
N GLY B 105 29.09 -12.22 -5.33
CA GLY B 105 30.15 -11.63 -4.52
C GLY B 105 31.56 -11.63 -5.12
N GLU B 106 31.68 -12.00 -6.40
CA GLU B 106 33.00 -12.12 -7.07
C GLU B 106 33.87 -10.88 -6.97
N SER B 107 33.34 -9.72 -7.35
CA SER B 107 34.16 -8.50 -7.32
C SER B 107 34.47 -8.07 -5.90
N PHE B 108 33.52 -8.26 -4.99
CA PHE B 108 33.75 -7.99 -3.57
C PHE B 108 34.93 -8.82 -3.03
N ILE B 109 34.93 -10.11 -3.36
CA ILE B 109 35.95 -11.03 -2.84
C ILE B 109 37.34 -10.67 -3.42
N GLY B 110 37.38 -10.45 -4.73
CA GLY B 110 38.65 -10.19 -5.43
C GLY B 110 39.60 -11.38 -5.32
N ASN B 111 40.83 -11.11 -4.89
CA ASN B 111 41.86 -12.14 -4.74
C ASN B 111 42.05 -12.53 -3.26
N ASP B 112 41.07 -12.23 -2.41
CA ASP B 112 41.18 -12.48 -0.97
C ASP B 112 40.59 -13.82 -0.56
N LEU B 113 40.90 -14.20 0.67
CA LEU B 113 40.24 -15.33 1.32
C LEU B 113 38.80 -14.92 1.65
N SER B 114 37.91 -15.87 1.87
CA SER B 114 36.54 -15.53 2.23
C SER B 114 35.88 -16.47 3.26
N ALA B 115 34.71 -16.05 3.73
CA ALA B 115 33.86 -16.85 4.60
C ALA B 115 32.42 -16.55 4.27
N LEU B 116 31.62 -17.60 4.12
CA LEU B 116 30.18 -17.47 3.93
C LEU B 116 29.42 -18.00 5.17
N VAL B 117 28.44 -17.22 5.62
CA VAL B 117 27.51 -17.68 6.67
C VAL B 117 26.08 -17.46 6.17
N LEU B 118 25.19 -18.39 6.46
CA LEU B 118 23.79 -18.21 6.10
C LEU B 118 23.13 -17.28 7.10
N GLY B 119 22.25 -16.43 6.59
CA GLY B 119 21.68 -15.35 7.37
C GLY B 119 20.72 -15.80 8.44
N ASP B 120 20.34 -17.07 8.42
CA ASP B 120 19.40 -17.63 9.41
C ASP B 120 20.03 -18.71 10.30
N ASN B 121 21.34 -18.77 10.35
CA ASN B 121 22.03 -19.72 11.24
C ASN B 121 22.51 -19.06 12.54
N LEU B 122 22.19 -19.69 13.66
CA LEU B 122 22.58 -19.19 14.99
C LEU B 122 23.50 -20.25 15.61
N TYR B 123 24.61 -19.79 16.16
CA TYR B 123 25.56 -20.66 16.84
C TYR B 123 25.75 -20.17 18.26
N TYR B 124 25.95 -21.11 19.19
CA TYR B 124 26.29 -20.74 20.55
C TYR B 124 27.20 -21.80 21.15
N GLY B 125 28.22 -21.35 21.87
CA GLY B 125 28.99 -22.27 22.69
C GLY B 125 30.31 -21.71 23.15
N HIS B 126 30.97 -22.48 23.98
CA HIS B 126 32.18 -22.03 24.61
C HIS B 126 33.35 -22.19 23.66
N ASP B 127 34.19 -21.17 23.60
CA ASP B 127 35.38 -21.14 22.76
C ASP B 127 35.04 -21.17 21.27
N PHE B 128 33.85 -20.67 20.94
CA PHE B 128 33.41 -20.54 19.56
C PHE B 128 34.40 -19.65 18.82
N HIS B 129 34.84 -18.59 19.49
CA HIS B 129 35.88 -17.70 18.98
C HIS B 129 37.09 -18.45 18.51
N GLU B 130 37.56 -19.39 19.32
CA GLU B 130 38.76 -20.19 18.99
C GLU B 130 38.48 -21.18 17.87
N LEU B 131 37.30 -21.80 17.90
CA LEU B 131 36.88 -22.70 16.83
C LEU B 131 36.86 -21.97 15.47
N LEU B 132 36.45 -20.70 15.47
CA LEU B 132 36.41 -19.90 14.24
C LEU B 132 37.82 -19.44 13.85
N GLY B 133 38.58 -18.99 14.84
CA GLY B 133 39.98 -18.60 14.65
C GLY B 133 40.84 -19.63 13.94
N SER B 134 40.71 -20.90 14.32
CA SER B 134 41.53 -21.97 13.75
C SER B 134 41.12 -22.28 12.29
N ALA B 135 39.85 -22.09 11.96
CA ALA B 135 39.40 -22.18 10.56
C ALA B 135 39.87 -20.95 9.78
N SER B 136 39.82 -19.78 10.40
CA SER B 136 40.21 -18.52 9.73
C SER B 136 41.68 -18.47 9.35
N GLN B 137 42.53 -19.09 10.17
CA GLN B 137 43.99 -19.10 9.99
C GLN B 137 44.46 -20.05 8.88
N ARG B 138 43.65 -21.07 8.55
CA ARG B 138 43.94 -21.93 7.39
C ARG B 138 43.83 -21.12 6.12
N GLN B 139 44.98 -20.72 5.56
CA GLN B 139 45.03 -19.86 4.38
C GLN B 139 44.96 -20.63 3.06
N THR B 140 44.89 -21.95 3.12
CA THR B 140 44.68 -22.77 1.92
C THR B 140 43.54 -23.75 2.12
N GLY B 141 42.87 -24.11 1.03
CA GLY B 141 41.76 -25.03 1.10
C GLY B 141 40.51 -24.41 1.72
N ALA B 142 39.60 -25.28 2.16
CA ALA B 142 38.32 -24.91 2.73
C ALA B 142 38.09 -25.58 4.09
N SER B 143 37.31 -24.92 4.95
CA SER B 143 36.90 -25.49 6.24
C SER B 143 35.38 -25.38 6.42
N VAL B 144 34.76 -26.52 6.73
CA VAL B 144 33.36 -26.58 7.12
C VAL B 144 33.26 -27.30 8.48
N PHE B 145 32.07 -27.29 9.07
CA PHE B 145 31.82 -27.90 10.37
C PHE B 145 30.69 -28.90 10.23
N ALA B 146 30.86 -30.07 10.85
CA ALA B 146 29.82 -31.11 10.87
C ALA B 146 29.20 -31.21 12.28
N TYR B 147 27.89 -31.38 12.33
CA TYR B 147 27.14 -31.35 13.58
C TYR B 147 26.09 -32.46 13.56
N HIS B 148 26.05 -33.24 14.62
CA HIS B 148 25.08 -34.31 14.77
C HIS B 148 23.66 -33.75 14.91
N VAL B 149 22.77 -34.19 14.03
CA VAL B 149 21.36 -33.76 14.04
C VAL B 149 20.45 -34.98 13.96
N LEU B 150 19.18 -34.77 14.32
CA LEU B 150 18.15 -35.78 14.27
C LEU B 150 17.69 -36.03 12.81
N ASP B 151 17.74 -35.00 11.98
CA ASP B 151 17.14 -35.03 10.62
C ASP B 151 18.16 -34.65 9.54
N PRO B 152 19.20 -35.47 9.39
CA PRO B 152 20.26 -35.11 8.43
C PRO B 152 19.80 -34.98 6.96
N GLU B 153 18.72 -35.67 6.59
CA GLU B 153 18.11 -35.52 5.23
C GLU B 153 17.88 -34.10 4.76
N ARG B 154 17.69 -33.18 5.71
CA ARG B 154 17.43 -31.77 5.35
C ARG B 154 18.66 -31.03 4.90
N TYR B 155 19.85 -31.63 5.05
CA TYR B 155 21.10 -30.90 4.90
C TYR B 155 22.11 -31.55 3.95
N GLY B 156 23.23 -30.86 3.77
CA GLY B 156 24.45 -31.50 3.30
C GLY B 156 24.96 -32.45 4.38
N VAL B 157 25.14 -33.71 4.00
CA VAL B 157 25.45 -34.77 4.92
C VAL B 157 26.85 -35.32 4.63
N VAL B 158 27.67 -35.42 5.66
CA VAL B 158 29.04 -35.87 5.51
C VAL B 158 29.18 -37.29 6.04
N GLU B 159 29.92 -38.10 5.27
CA GLU B 159 30.21 -39.49 5.64
C GLU B 159 31.67 -39.61 5.97
N PHE B 160 31.96 -40.37 7.02
CA PHE B 160 33.29 -40.57 7.53
C PHE B 160 33.61 -42.05 7.47
N ASP B 161 34.88 -42.39 7.21
CA ASP B 161 35.35 -43.77 7.33
C ASP B 161 35.65 -44.07 8.79
N GLN B 162 36.10 -45.30 9.08
CA GLN B 162 36.34 -45.72 10.47
C GLN B 162 37.47 -44.95 11.14
N GLY B 163 38.35 -44.35 10.35
CA GLY B 163 39.43 -43.54 10.88
C GLY B 163 39.02 -42.12 11.22
N GLY B 164 37.78 -41.75 10.91
CA GLY B 164 37.28 -40.40 11.16
C GLY B 164 37.47 -39.40 10.02
N LYS B 165 37.90 -39.89 8.86
CA LYS B 165 38.14 -39.02 7.71
C LYS B 165 36.86 -38.87 6.86
N ALA B 166 36.55 -37.63 6.48
CA ALA B 166 35.41 -37.36 5.58
C ALA B 166 35.69 -37.93 4.19
N ILE B 167 34.76 -38.75 3.68
CA ILE B 167 34.94 -39.43 2.40
C ILE B 167 33.85 -39.15 1.38
N SER B 168 32.69 -38.65 1.81
CA SER B 168 31.65 -38.19 0.86
C SER B 168 30.74 -37.11 1.45
N LEU B 169 30.16 -36.32 0.54
CA LEU B 169 29.18 -35.30 0.87
C LEU B 169 27.99 -35.49 -0.04
N GLU B 170 26.80 -35.49 0.54
CA GLU B 170 25.57 -35.62 -0.24
C GLU B 170 24.59 -34.53 0.20
N GLU B 171 23.98 -33.87 -0.78
CA GLU B 171 23.04 -32.81 -0.51
C GLU B 171 21.64 -33.43 -0.37
N LYS B 172 21.09 -33.33 0.84
CA LYS B 172 19.74 -33.78 1.13
C LYS B 172 19.47 -35.22 0.68
N PRO B 173 20.32 -36.16 1.11
CA PRO B 173 20.10 -37.54 0.69
C PRO B 173 18.86 -38.15 1.30
N LEU B 174 18.13 -38.92 0.50
CA LEU B 174 16.96 -39.68 0.97
C LEU B 174 17.35 -40.76 1.97
N GLU B 175 18.58 -41.25 1.84
CA GLU B 175 19.14 -42.23 2.76
C GLU B 175 20.50 -41.75 3.26
N PRO B 176 20.50 -40.87 4.28
CA PRO B 176 21.75 -40.29 4.78
C PRO B 176 22.75 -41.35 5.23
N LYS B 177 24.02 -41.11 4.93
CA LYS B 177 25.08 -42.03 5.32
C LYS B 177 25.48 -41.85 6.77
N SER B 178 25.13 -40.70 7.36
CA SER B 178 25.36 -40.46 8.80
C SER B 178 24.35 -39.44 9.31
N ASN B 179 24.45 -39.10 10.59
CA ASN B 179 23.64 -38.05 11.18
C ASN B 179 24.41 -36.70 11.26
N TYR B 180 25.51 -36.59 10.51
CA TYR B 180 26.34 -35.39 10.55
C TYR B 180 26.03 -34.44 9.39
N ALA B 181 25.43 -33.32 9.74
CA ALA B 181 25.08 -32.26 8.80
C ALA B 181 26.18 -31.21 8.74
N VAL B 182 26.38 -30.63 7.55
CA VAL B 182 27.31 -29.50 7.37
C VAL B 182 26.58 -28.23 7.74
N THR B 183 27.12 -27.48 8.69
CA THR B 183 26.45 -26.27 9.19
C THR B 183 26.59 -25.15 8.16
N GLY B 184 25.83 -24.06 8.34
CA GLY B 184 25.84 -22.96 7.37
C GLY B 184 26.90 -21.93 7.62
N LEU B 185 28.14 -22.41 7.81
CA LEU B 185 29.30 -21.55 7.98
C LEU B 185 30.45 -22.19 7.21
N TYR B 186 31.05 -21.44 6.29
CA TYR B 186 32.03 -21.99 5.36
C TYR B 186 33.21 -21.03 5.19
N PHE B 187 34.42 -21.56 5.31
CA PHE B 187 35.66 -20.77 5.08
C PHE B 187 36.35 -21.25 3.80
N TYR B 188 36.76 -20.31 2.94
CA TYR B 188 37.31 -20.65 1.63
C TYR B 188 38.61 -19.91 1.32
N ASP B 189 39.46 -20.55 0.53
CA ASP B 189 40.65 -19.88 0.01
C ASP B 189 40.27 -19.15 -1.29
N GLN B 190 41.30 -18.74 -2.05
CA GLN B 190 41.12 -18.03 -3.32
C GLN B 190 40.60 -18.84 -4.50
N GLN B 191 40.36 -20.14 -4.30
CA GLN B 191 39.87 -21.00 -5.39
C GLN B 191 38.36 -21.02 -5.54
N VAL B 192 37.62 -20.57 -4.51
CA VAL B 192 36.16 -20.77 -4.49
C VAL B 192 35.38 -20.08 -5.61
N VAL B 193 35.77 -18.87 -5.98
CA VAL B 193 35.07 -18.16 -7.05
C VAL B 193 35.16 -18.98 -8.35
N ASP B 194 36.37 -19.42 -8.70
CA ASP B 194 36.59 -20.18 -9.95
C ASP B 194 35.83 -21.50 -9.95
N ILE B 195 35.76 -22.16 -8.79
CA ILE B 195 34.97 -23.38 -8.66
C ILE B 195 33.50 -23.09 -8.86
N ALA B 196 33.03 -22.00 -8.23
CA ALA B 196 31.61 -21.58 -8.35
C ALA B 196 31.26 -21.22 -9.81
N ARG B 197 32.19 -20.58 -10.51
CA ARG B 197 31.94 -20.22 -11.92
C ARG B 197 31.72 -21.45 -12.82
N ASP B 198 32.37 -22.57 -12.48
CA ASP B 198 32.26 -23.82 -13.26
C ASP B 198 31.13 -24.77 -12.84
N LEU B 199 30.40 -24.41 -11.77
CA LEU B 199 29.27 -25.24 -11.33
C LEU B 199 28.12 -25.26 -12.34
N LYS B 200 27.52 -26.44 -12.50
CA LYS B 200 26.28 -26.57 -13.27
C LYS B 200 25.12 -26.75 -12.30
N PRO B 201 23.92 -26.26 -12.65
CA PRO B 201 22.77 -26.48 -11.78
C PRO B 201 22.45 -27.94 -11.53
N SER B 202 22.00 -28.23 -10.32
CA SER B 202 21.61 -29.59 -9.93
C SER B 202 20.22 -29.89 -10.50
N PRO B 203 19.73 -31.14 -10.35
CA PRO B 203 18.36 -31.47 -10.77
C PRO B 203 17.24 -30.60 -10.19
N ARG B 204 17.51 -29.87 -9.10
CA ARG B 204 16.54 -28.92 -8.53
C ARG B 204 16.72 -27.50 -9.05
N GLY B 205 17.68 -27.30 -9.95
CA GLY B 205 17.90 -25.99 -10.56
C GLY B 205 18.67 -25.03 -9.66
N GLU B 206 19.49 -25.58 -8.77
CA GLU B 206 20.23 -24.77 -7.81
C GLU B 206 21.73 -24.93 -8.00
N LEU B 207 22.47 -23.85 -7.80
CA LEU B 207 23.92 -23.90 -7.70
C LEU B 207 24.29 -24.28 -6.26
N GLU B 208 24.73 -25.53 -6.08
CA GLU B 208 24.84 -26.14 -4.75
C GLU B 208 26.17 -25.83 -4.07
N ILE B 209 26.10 -25.35 -2.82
CA ILE B 209 27.31 -25.19 -2.01
C ILE B 209 27.98 -26.56 -1.81
N THR B 210 27.19 -27.61 -1.71
CA THR B 210 27.69 -28.95 -1.51
C THR B 210 28.60 -29.38 -2.67
N ASP B 211 28.27 -28.94 -3.89
CA ASP B 211 29.14 -29.15 -5.06
C ASP B 211 30.45 -28.41 -4.92
N VAL B 212 30.41 -27.19 -4.39
CA VAL B 212 31.64 -26.46 -4.09
C VAL B 212 32.48 -27.25 -3.09
N ASN B 213 31.84 -27.75 -2.03
CA ASN B 213 32.57 -28.42 -0.94
C ASN B 213 33.14 -29.77 -1.42
N ARG B 214 32.43 -30.45 -2.30
CA ARG B 214 32.88 -31.69 -2.89
C ARG B 214 34.11 -31.48 -3.80
N ALA B 215 34.16 -30.34 -4.49
CA ALA B 215 35.34 -29.98 -5.29
C ALA B 215 36.59 -29.91 -4.41
N TYR B 216 36.48 -29.27 -3.25
CA TYR B 216 37.60 -29.23 -2.31
C TYR B 216 37.88 -30.64 -1.77
N LEU B 217 36.83 -31.40 -1.47
CA LEU B 217 37.00 -32.75 -0.93
C LEU B 217 37.84 -33.63 -1.89
N GLU B 218 37.49 -33.61 -3.18
CA GLU B 218 38.19 -34.44 -4.19
C GLU B 218 39.67 -34.07 -4.32
N ARG B 219 40.02 -32.82 -4.05
CA ARG B 219 41.41 -32.38 -4.08
C ARG B 219 42.11 -32.56 -2.72
N GLY B 220 41.45 -33.22 -1.77
CA GLY B 220 42.01 -33.37 -0.43
C GLY B 220 42.17 -32.06 0.34
N GLN B 221 41.40 -31.04 -0.03
CA GLN B 221 41.55 -29.71 0.60
C GLN B 221 40.31 -29.25 1.39
N LEU B 222 39.44 -30.19 1.78
CA LEU B 222 38.30 -29.89 2.67
C LEU B 222 38.57 -30.38 4.08
N SER B 223 38.73 -29.43 5.00
CA SER B 223 38.81 -29.77 6.42
C SER B 223 37.37 -29.78 6.94
N VAL B 224 36.95 -30.94 7.45
CA VAL B 224 35.65 -31.11 8.10
C VAL B 224 35.88 -31.27 9.61
N GLU B 225 35.70 -30.18 10.36
CA GLU B 225 35.82 -30.21 11.81
C GLU B 225 34.49 -30.55 12.45
N ILE B 226 34.53 -31.37 13.49
CA ILE B 226 33.32 -31.68 14.24
C ILE B 226 32.96 -30.48 15.13
N MET B 227 31.72 -30.00 15.02
CA MET B 227 31.20 -29.05 15.98
C MET B 227 30.47 -29.92 16.99
N GLY B 228 31.06 -30.00 18.18
CA GLY B 228 30.66 -30.96 19.18
C GLY B 228 29.28 -30.72 19.76
N ARG B 229 28.79 -31.71 20.49
CA ARG B 229 27.42 -31.65 21.04
C ARG B 229 27.27 -30.58 22.14
N GLY B 230 28.39 -30.11 22.70
CA GLY B 230 28.40 -28.98 23.62
C GLY B 230 28.20 -27.61 22.99
N TYR B 231 28.11 -27.55 21.65
CA TYR B 231 27.67 -26.36 20.91
C TYR B 231 26.21 -26.47 20.49
N ALA B 232 25.55 -25.32 20.45
CA ALA B 232 24.20 -25.23 19.94
C ALA B 232 24.28 -24.67 18.53
N TRP B 233 23.82 -25.43 17.56
CA TRP B 233 23.56 -24.89 16.23
C TRP B 233 22.06 -24.94 16.10
N LEU B 234 21.42 -23.77 16.18
CA LEU B 234 19.96 -23.76 16.38
C LEU B 234 19.25 -23.71 15.04
N ASP B 235 18.06 -24.27 15.02
CA ASP B 235 17.34 -24.45 13.79
C ASP B 235 16.39 -23.28 13.67
N THR B 236 16.43 -22.49 12.57
CA THR B 236 15.31 -21.54 12.26
C THR B 236 14.46 -21.82 10.96
N GLY B 237 14.40 -23.09 10.58
CA GLY B 237 13.71 -23.50 9.34
C GLY B 237 12.18 -23.63 9.40
N THR B 238 11.63 -23.73 10.61
CA THR B 238 10.18 -23.85 10.79
C THR B 238 9.68 -22.87 11.83
N HIS B 239 8.38 -22.64 11.88
CA HIS B 239 7.80 -21.77 12.95
C HIS B 239 8.14 -22.29 14.30
N ASP B 240 8.06 -23.61 14.46
CA ASP B 240 8.36 -24.27 15.76
C ASP B 240 9.80 -24.04 16.17
N SER B 241 10.73 -24.24 15.22
CA SER B 241 12.14 -24.09 15.52
C SER B 241 12.54 -22.61 15.77
N LEU B 242 11.88 -21.68 15.08
CA LEU B 242 12.08 -20.25 15.28
C LEU B 242 11.78 -19.85 16.74
N LEU B 243 10.64 -20.34 17.19
CA LEU B 243 10.17 -20.15 18.56
C LEU B 243 11.10 -20.76 19.61
N GLU B 244 11.58 -21.98 19.35
CA GLU B 244 12.54 -22.65 20.21
C GLU B 244 13.87 -21.89 20.28
N ALA B 245 14.32 -21.33 19.16
CA ALA B 245 15.51 -20.49 19.17
C ALA B 245 15.37 -19.24 20.05
N GLY B 246 14.23 -18.55 19.93
CA GLY B 246 13.90 -17.37 20.78
C GLY B 246 13.93 -17.71 22.26
N GLN B 247 13.35 -18.84 22.64
CA GLN B 247 13.31 -19.33 24.02
CA GLN B 247 13.32 -19.32 24.05
C GLN B 247 14.72 -19.68 24.54
N PHE B 248 15.53 -20.27 23.66
CA PHE B 248 16.90 -20.69 23.98
C PHE B 248 17.75 -19.45 24.32
N ILE B 249 17.68 -18.42 23.46
CA ILE B 249 18.42 -17.20 23.64
C ILE B 249 17.96 -16.44 24.90
N ALA B 250 16.64 -16.34 25.10
CA ALA B 250 16.06 -15.68 26.29
C ALA B 250 16.50 -16.33 27.60
N THR B 251 16.47 -17.65 27.64
CA THR B 251 16.95 -18.38 28.82
C THR B 251 18.42 -18.08 29.15
N LEU B 252 19.29 -18.09 28.15
CA LEU B 252 20.70 -17.76 28.35
C LEU B 252 20.89 -16.32 28.81
N GLU B 253 20.26 -15.37 28.12
CA GLU B 253 20.44 -13.95 28.42
C GLU B 253 19.86 -13.56 29.77
N ASN B 254 18.69 -14.11 30.10
CA ASN B 254 18.06 -13.82 31.39
C ASN B 254 18.76 -14.50 32.58
N ARG B 255 19.44 -15.62 32.33
CA ARG B 255 20.26 -16.29 33.34
C ARG B 255 21.53 -15.50 33.60
N GLN B 256 22.20 -15.09 32.54
CA GLN B 256 23.54 -14.53 32.63
C GLN B 256 23.61 -13.03 32.84
N GLY B 257 22.57 -12.31 32.42
CA GLY B 257 22.63 -10.86 32.27
C GLY B 257 23.62 -10.43 31.20
N LEU B 258 23.91 -11.32 30.26
CA LEU B 258 24.81 -11.07 29.15
C LEU B 258 24.07 -11.44 27.86
N LYS B 259 24.36 -10.71 26.78
CA LYS B 259 23.69 -10.95 25.51
C LYS B 259 24.52 -11.87 24.59
N VAL B 260 23.80 -12.62 23.77
CA VAL B 260 24.37 -13.38 22.68
C VAL B 260 24.23 -12.53 21.44
N ALA B 261 25.36 -12.34 20.75
CA ALA B 261 25.37 -11.74 19.40
C ALA B 261 24.92 -10.29 19.42
N CYS B 262 25.47 -9.54 20.37
CA CYS B 262 25.36 -8.10 20.41
C CYS B 262 26.55 -7.55 19.64
N PRO B 263 26.31 -7.02 18.40
CA PRO B 263 27.45 -6.59 17.55
C PRO B 263 28.27 -5.44 18.15
N GLU B 264 27.61 -4.53 18.84
CA GLU B 264 28.29 -3.43 19.51
C GLU B 264 29.26 -3.93 20.57
N GLU B 265 28.81 -4.89 21.38
CA GLU B 265 29.68 -5.50 22.37
C GLU B 265 30.88 -6.19 21.70
N ILE B 266 30.62 -6.96 20.65
CA ILE B 266 31.69 -7.73 20.02
C ILE B 266 32.73 -6.79 19.41
N ALA B 267 32.26 -5.72 18.75
CA ALA B 267 33.16 -4.71 18.19
C ALA B 267 34.02 -4.07 19.27
N TYR B 268 33.41 -3.75 20.41
CA TYR B 268 34.11 -3.13 21.55
C TYR B 268 35.19 -4.08 22.08
N ARG B 269 34.86 -5.36 22.20
CA ARG B 269 35.78 -6.36 22.76
C ARG B 269 36.89 -6.70 21.79
N GLN B 270 36.63 -6.57 20.49
CA GLN B 270 37.66 -6.74 19.47
C GLN B 270 38.55 -5.49 19.33
N LYS B 271 38.20 -4.41 20.04
CA LYS B 271 38.89 -3.11 19.98
C LYS B 271 38.66 -2.40 18.65
N TRP B 272 37.58 -2.72 17.95
CA TRP B 272 37.26 -2.04 16.69
C TRP B 272 36.58 -0.74 16.90
N ILE B 273 35.90 -0.60 18.03
CA ILE B 273 35.38 0.67 18.49
C ILE B 273 35.85 0.85 19.93
N ASP B 274 35.94 2.10 20.38
CA ASP B 274 36.42 2.39 21.73
C ASP B 274 35.25 2.80 22.64
N ALA B 275 35.57 3.10 23.90
CA ALA B 275 34.58 3.37 24.93
C ALA B 275 33.66 4.51 24.58
N ALA B 276 34.24 5.59 24.05
CA ALA B 276 33.49 6.77 23.73
C ALA B 276 32.49 6.50 22.58
N GLN B 277 32.91 5.71 21.59
CA GLN B 277 32.02 5.32 20.51
C GLN B 277 30.87 4.40 21.01
N LEU B 278 31.19 3.45 21.89
CA LEU B 278 30.17 2.60 22.50
C LEU B 278 29.17 3.40 23.31
N GLU B 279 29.67 4.37 24.07
CA GLU B 279 28.80 5.26 24.85
C GLU B 279 27.80 5.99 23.93
N LYS B 280 28.28 6.47 22.80
CA LYS B 280 27.42 7.17 21.82
C LYS B 280 26.36 6.25 21.20
N LEU B 281 26.74 5.00 20.93
CA LEU B 281 25.80 3.99 20.45
C LEU B 281 24.73 3.64 21.49
N ALA B 282 25.09 3.69 22.78
CA ALA B 282 24.12 3.41 23.83
C ALA B 282 23.05 4.50 23.95
N ALA B 283 23.42 5.73 23.63
CA ALA B 283 22.55 6.91 23.83
C ALA B 283 21.13 6.74 23.25
N PRO B 284 21.00 6.45 21.94
CA PRO B 284 19.64 6.36 21.34
C PRO B 284 18.73 5.31 22.00
N LEU B 285 19.34 4.25 22.53
CA LEU B 285 18.59 3.15 23.14
C LEU B 285 18.56 3.17 24.67
N ALA B 286 18.90 4.31 25.27
CA ALA B 286 19.10 4.43 26.73
C ALA B 286 17.86 4.14 27.58
N LYS B 287 16.67 4.29 26.98
CA LYS B 287 15.41 4.06 27.69
C LYS B 287 14.97 2.59 27.70
N ASN B 288 15.66 1.72 26.96
CA ASN B 288 15.34 0.28 26.94
C ASN B 288 16.52 -0.57 27.41
N GLY B 289 16.25 -1.86 27.60
CA GLY B 289 17.26 -2.78 28.13
C GLY B 289 18.51 -2.94 27.27
N TYR B 290 18.37 -2.79 25.95
CA TYR B 290 19.50 -2.98 25.04
C TYR B 290 20.53 -1.88 25.21
N GLY B 291 20.08 -0.63 25.21
CA GLY B 291 20.96 0.51 25.51
C GLY B 291 21.51 0.51 26.93
N GLN B 292 20.71 0.06 27.88
CA GLN B 292 21.17 -0.03 29.27
C GLN B 292 22.29 -1.07 29.35
N TYR B 293 22.14 -2.16 28.59
CA TYR B 293 23.17 -3.18 28.50
C TYR B 293 24.48 -2.64 27.93
N LEU B 294 24.41 -1.90 26.84
CA LEU B 294 25.60 -1.30 26.24
C LEU B 294 26.31 -0.34 27.23
N LYS B 295 25.52 0.43 27.97
CA LYS B 295 26.03 1.38 28.96
C LYS B 295 26.76 0.63 30.08
N ARG B 296 26.12 -0.39 30.65
CA ARG B 296 26.79 -1.28 31.62
C ARG B 296 28.13 -1.84 31.13
N LEU B 297 28.23 -2.18 29.84
CA LEU B 297 29.48 -2.72 29.27
C LEU B 297 30.69 -1.77 29.42
N LEU B 298 30.44 -0.47 29.56
CA LEU B 298 31.54 0.52 29.70
C LEU B 298 32.31 0.42 31.03
N THR B 299 31.63 -0.03 32.08
CA THR B 299 32.24 -0.03 33.43
C THR B 299 32.38 -1.43 34.08
N GLU B 300 31.84 -2.46 33.45
CA GLU B 300 31.91 -3.82 34.00
C GLU B 300 33.00 -4.62 33.31
N THR B 301 33.80 -5.34 34.11
CA THR B 301 34.73 -6.32 33.56
C THR B 301 33.98 -7.64 33.41
N VAL B 302 33.98 -8.19 32.19
CA VAL B 302 33.34 -9.46 31.89
C VAL B 302 34.41 -10.38 31.33
N TYR B 303 34.60 -11.54 31.97
CA TYR B 303 35.65 -12.50 31.57
C TYR B 303 35.16 -13.43 30.46
N MET C 11 28.70 8.46 -7.46
CA MET C 11 27.76 8.62 -6.31
C MET C 11 26.34 8.31 -6.74
N LYS C 12 25.53 7.82 -5.82
CA LYS C 12 24.12 7.56 -6.11
C LYS C 12 23.38 8.90 -6.16
N ARG C 13 22.40 8.98 -7.04
CA ARG C 13 21.49 10.13 -7.05
C ARG C 13 20.12 9.63 -6.70
N LYS C 14 19.52 10.25 -5.68
CA LYS C 14 18.22 9.88 -5.18
C LYS C 14 17.20 10.82 -5.83
N GLY C 15 15.96 10.35 -5.99
CA GLY C 15 14.90 11.16 -6.57
C GLY C 15 13.87 11.58 -5.56
N ILE C 16 13.29 12.75 -5.76
CA ILE C 16 12.11 13.18 -5.00
C ILE C 16 11.00 13.60 -5.94
N ILE C 17 9.78 13.10 -5.71
CA ILE C 17 8.61 13.60 -6.39
C ILE C 17 7.74 14.37 -5.41
N LEU C 18 7.52 15.63 -5.71
CA LEU C 18 6.64 16.45 -4.91
C LEU C 18 5.23 16.38 -5.48
N ALA C 19 4.36 15.68 -4.77
CA ALA C 19 2.98 15.48 -5.17
C ALA C 19 2.07 16.03 -4.08
N GLY C 20 2.23 17.32 -3.81
CA GLY C 20 1.59 17.93 -2.64
C GLY C 20 0.16 18.39 -2.93
N GLY C 21 -0.42 19.08 -1.96
CA GLY C 21 -1.79 19.54 -2.08
C GLY C 21 -1.91 20.65 -3.11
N SER C 22 -2.93 20.54 -3.98
CA SER C 22 -3.26 21.61 -4.93
C SER C 22 -4.46 22.40 -4.41
N GLY C 23 -4.57 22.47 -3.08
CA GLY C 23 -5.70 23.10 -2.41
C GLY C 23 -7.05 22.76 -3.02
N THR C 24 -7.82 23.80 -3.31
CA THR C 24 -9.15 23.68 -3.87
C THR C 24 -9.18 24.07 -5.35
N ARG C 25 -8.01 24.31 -5.93
CA ARG C 25 -7.91 24.91 -7.26
C ARG C 25 -8.62 24.10 -8.35
N LEU C 26 -8.60 22.77 -8.24
CA LEU C 26 -9.22 21.90 -9.25
C LEU C 26 -10.49 21.18 -8.74
N HIS C 27 -11.03 21.64 -7.63
CA HIS C 27 -12.30 21.13 -7.13
C HIS C 27 -13.40 21.49 -8.11
N PRO C 28 -14.43 20.64 -8.24
CA PRO C 28 -14.69 19.43 -7.48
C PRO C 28 -14.01 18.17 -8.00
N ALA C 29 -13.30 18.23 -9.13
CA ALA C 29 -12.63 17.03 -9.68
C ALA C 29 -11.70 16.39 -8.66
N THR C 30 -10.98 17.22 -7.91
CA THR C 30 -10.01 16.75 -6.93
C THR C 30 -10.58 16.55 -5.51
N LEU C 31 -11.90 16.65 -5.34
CA LEU C 31 -12.53 16.27 -4.07
C LEU C 31 -12.44 14.74 -3.91
N ALA C 32 -12.63 14.01 -5.01
CA ALA C 32 -12.56 12.54 -5.02
C ALA C 32 -11.15 11.98 -4.95
N ILE C 33 -10.17 12.67 -5.58
CA ILE C 33 -8.75 12.22 -5.55
C ILE C 33 -7.73 13.33 -5.67
N SER C 34 -6.54 13.10 -5.14
CA SER C 34 -5.42 14.02 -5.31
C SER C 34 -5.17 14.25 -6.80
N LYS C 35 -4.75 15.45 -7.15
CA LYS C 35 -4.45 15.80 -8.53
C LYS C 35 -3.53 14.80 -9.23
N GLN C 36 -2.46 14.40 -8.55
CA GLN C 36 -1.44 13.59 -9.20
C GLN C 36 -1.85 12.10 -9.29
N LEU C 37 -3.05 11.79 -8.78
CA LEU C 37 -3.71 10.52 -9.07
C LEU C 37 -4.71 10.57 -10.20
N LEU C 38 -5.06 11.77 -10.67
CA LEU C 38 -5.92 11.88 -11.86
C LEU C 38 -5.21 11.31 -13.09
N PRO C 39 -5.95 10.67 -13.99
CA PRO C 39 -5.28 10.13 -15.17
C PRO C 39 -4.91 11.21 -16.20
N VAL C 40 -3.80 11.00 -16.87
CA VAL C 40 -3.54 11.68 -18.14
C VAL C 40 -3.68 10.60 -19.20
N TYR C 41 -4.78 10.68 -19.96
CA TYR C 41 -5.23 9.61 -20.86
C TYR C 41 -5.47 8.26 -20.17
N ASP C 42 -4.46 7.41 -20.09
CA ASP C 42 -4.66 6.03 -19.70
C ASP C 42 -3.94 5.65 -18.39
N LYS C 43 -3.23 6.58 -17.78
CA LYS C 43 -2.45 6.24 -16.61
C LYS C 43 -2.41 7.41 -15.63
N PRO C 44 -2.27 7.10 -14.34
CA PRO C 44 -2.23 8.18 -13.34
C PRO C 44 -1.11 9.19 -13.61
N MET C 45 -1.38 10.46 -13.29
CA MET C 45 -0.48 11.55 -13.61
C MET C 45 0.92 11.26 -13.11
N ILE C 46 1.03 10.68 -11.90
CA ILE C 46 2.31 10.49 -11.26
C ILE C 46 3.22 9.51 -12.00
N TYR C 47 2.65 8.61 -12.81
CA TYR C 47 3.46 7.75 -13.68
C TYR C 47 4.44 8.54 -14.58
N TYR C 48 4.05 9.74 -15.01
CA TYR C 48 4.87 10.53 -15.94
C TYR C 48 6.14 11.09 -15.30
N PRO C 49 6.04 11.86 -14.19
CA PRO C 49 7.30 12.25 -13.51
C PRO C 49 8.09 11.08 -12.94
N LEU C 50 7.40 10.05 -12.46
CA LEU C 50 8.10 8.86 -11.98
C LEU C 50 8.95 8.29 -13.12
N SER C 51 8.34 8.14 -14.30
CA SER C 51 9.05 7.63 -15.50
C SER C 51 10.20 8.55 -15.88
N THR C 52 10.02 9.86 -15.68
CA THR C 52 11.10 10.79 -15.94
C THR C 52 12.33 10.53 -15.03
N LEU C 53 12.11 10.38 -13.74
CA LEU C 53 13.20 10.01 -12.84
C LEU C 53 13.87 8.70 -13.25
N MET C 54 13.05 7.71 -13.63
CA MET C 54 13.56 6.40 -14.04
C MET C 54 14.44 6.52 -15.27
N LEU C 55 13.99 7.34 -16.22
CA LEU C 55 14.76 7.58 -17.44
C LEU C 55 16.12 8.20 -17.15
N ALA C 56 16.19 9.02 -16.12
CA ALA C 56 17.46 9.56 -15.64
C ALA C 56 18.31 8.55 -14.84
N GLY C 57 17.89 7.29 -14.78
CA GLY C 57 18.63 6.24 -14.08
C GLY C 57 18.42 6.21 -12.58
N ILE C 58 17.42 6.95 -12.08
CA ILE C 58 17.17 7.07 -10.65
C ILE C 58 16.20 5.98 -10.17
N ARG C 59 16.64 5.21 -9.18
CA ARG C 59 15.90 4.04 -8.65
C ARG C 59 15.37 4.23 -7.23
N GLU C 60 16.00 5.09 -6.46
CA GLU C 60 15.60 5.33 -5.07
C GLU C 60 14.88 6.66 -5.04
N ILE C 61 13.58 6.62 -4.75
CA ILE C 61 12.69 7.77 -4.97
C ILE C 61 11.77 8.00 -3.76
N LEU C 62 11.75 9.23 -3.26
CA LEU C 62 10.88 9.66 -2.18
C LEU C 62 9.66 10.40 -2.74
N ILE C 63 8.47 9.91 -2.40
CA ILE C 63 7.24 10.55 -2.79
C ILE C 63 6.69 11.32 -1.60
N ILE C 64 6.56 12.64 -1.78
CA ILE C 64 6.04 13.55 -0.78
C ILE C 64 4.63 14.05 -1.18
N SER C 65 3.67 13.82 -0.29
CA SER C 65 2.29 14.15 -0.51
C SER C 65 1.64 14.53 0.83
N THR C 66 0.36 14.85 0.80
CA THR C 66 -0.37 15.17 2.05
C THR C 66 -0.62 13.90 2.87
N PRO C 67 -0.93 14.05 4.17
CA PRO C 67 -1.24 12.85 4.98
C PRO C 67 -2.37 12.01 4.38
N GLN C 68 -3.37 12.68 3.82
CA GLN C 68 -4.55 12.03 3.28
C GLN C 68 -4.24 11.28 1.98
N ASP C 69 -3.34 11.83 1.17
CA ASP C 69 -3.07 11.28 -0.16
C ASP C 69 -1.98 10.21 -0.14
N THR C 70 -1.09 10.26 0.84
CA THR C 70 0.02 9.32 0.95
C THR C 70 -0.40 7.87 0.83
N PRO C 71 -1.40 7.42 1.61
CA PRO C 71 -1.83 6.02 1.46
C PRO C 71 -2.39 5.66 0.08
N ARG C 72 -2.96 6.65 -0.63
CA ARG C 72 -3.45 6.42 -1.99
C ARG C 72 -2.27 6.25 -2.98
N PHE C 73 -1.22 7.06 -2.84
CA PHE C 73 0.01 6.84 -3.62
C PHE C 73 0.58 5.46 -3.29
N GLN C 74 0.60 5.14 -2.01
CA GLN C 74 1.14 3.86 -1.54
C GLN C 74 0.36 2.66 -2.11
N GLN C 75 -0.96 2.77 -2.13
CA GLN C 75 -1.78 1.72 -2.71
C GLN C 75 -1.51 1.52 -4.19
N LEU C 76 -1.32 2.63 -4.90
CA LEU C 76 -1.00 2.58 -6.33
C LEU C 76 0.38 2.01 -6.63
N LEU C 77 1.40 2.54 -5.95
CA LEU C 77 2.80 2.29 -6.33
C LEU C 77 3.54 1.27 -5.45
N GLY C 78 3.08 1.06 -4.22
CA GLY C 78 3.77 0.13 -3.31
C GLY C 78 5.15 0.60 -2.96
N ASP C 79 6.06 -0.35 -2.71
CA ASP C 79 7.45 0.01 -2.42
C ASP C 79 8.35 0.13 -3.67
N GLY C 80 7.77 -0.09 -4.83
CA GLY C 80 8.53 -0.01 -6.09
C GLY C 80 9.24 -1.30 -6.50
N SER C 81 9.36 -2.26 -5.59
CA SER C 81 10.18 -3.46 -5.80
C SER C 81 9.75 -4.28 -7.02
N ASN C 82 8.45 -4.26 -7.33
CA ASN C 82 7.95 -4.91 -8.56
C ASN C 82 8.55 -4.30 -9.84
N TRP C 83 9.04 -3.07 -9.75
CA TRP C 83 9.63 -2.37 -10.90
C TRP C 83 11.08 -2.09 -10.76
N GLY C 84 11.76 -2.76 -9.82
CA GLY C 84 13.21 -2.60 -9.62
C GLY C 84 13.56 -1.29 -8.93
N LEU C 85 12.57 -0.67 -8.29
CA LEU C 85 12.74 0.62 -7.62
C LEU C 85 12.66 0.44 -6.12
N ASP C 86 13.03 1.48 -5.40
CA ASP C 86 12.84 1.53 -3.99
C ASP C 86 12.14 2.84 -3.71
N LEU C 87 10.82 2.77 -3.50
CA LEU C 87 10.02 3.95 -3.26
C LEU C 87 9.77 4.10 -1.76
N GLN C 88 9.98 5.31 -1.26
CA GLN C 88 9.65 5.69 0.10
C GLN C 88 8.70 6.87 0.07
N TYR C 89 8.07 7.11 1.21
CA TYR C 89 6.99 8.08 1.29
C TYR C 89 7.18 8.98 2.49
N ALA C 90 6.90 10.26 2.30
CA ALA C 90 6.97 11.24 3.38
C ALA C 90 5.77 12.13 3.23
N VAL C 91 5.29 12.66 4.35
CA VAL C 91 4.10 13.51 4.33
C VAL C 91 4.52 14.98 4.38
N GLN C 92 3.76 15.85 3.74
CA GLN C 92 3.92 17.29 3.84
C GLN C 92 2.63 17.79 4.45
N PRO C 93 2.65 18.13 5.75
CA PRO C 93 1.44 18.58 6.47
C PRO C 93 0.77 19.81 5.85
N SER C 94 1.59 20.76 5.38
CA SER C 94 1.10 22.03 4.84
C SER C 94 1.90 22.42 3.59
N PRO C 95 1.23 23.03 2.59
CA PRO C 95 1.94 23.38 1.37
C PRO C 95 2.82 24.64 1.53
N ASP C 96 4.00 24.49 2.12
CA ASP C 96 4.87 25.62 2.49
C ASP C 96 6.00 25.88 1.50
N GLY C 97 5.89 25.38 0.27
CA GLY C 97 6.87 25.68 -0.78
C GLY C 97 7.60 24.45 -1.26
N LEU C 98 8.05 24.50 -2.52
CA LEU C 98 8.70 23.36 -3.14
C LEU C 98 10.05 23.05 -2.47
N ALA C 99 10.72 24.10 -1.99
CA ALA C 99 12.03 23.96 -1.34
C ALA C 99 11.93 23.20 -0.02
N GLN C 100 10.74 23.15 0.58
CA GLN C 100 10.50 22.33 1.76
C GLN C 100 10.77 20.85 1.53
N ALA C 101 10.73 20.40 0.28
CA ALA C 101 11.00 19.01 -0.05
C ALA C 101 12.37 18.56 0.48
N PHE C 102 13.33 19.48 0.52
CA PHE C 102 14.69 19.17 0.96
C PHE C 102 14.85 19.07 2.47
N LEU C 103 13.96 19.71 3.23
CA LEU C 103 13.92 19.60 4.69
C LEU C 103 13.16 18.35 5.10
N ILE C 104 11.96 18.17 4.54
CA ILE C 104 11.21 16.92 4.72
C ILE C 104 12.05 15.72 4.27
N GLY C 105 12.77 15.90 3.15
CA GLY C 105 13.54 14.80 2.57
C GLY C 105 14.98 14.69 3.03
N GLU C 106 15.36 15.46 4.04
CA GLU C 106 16.76 15.52 4.51
C GLU C 106 17.35 14.16 4.87
N SER C 107 16.66 13.36 5.68
CA SER C 107 17.22 12.07 6.09
C SER C 107 17.25 11.07 4.91
N PHE C 108 16.22 11.13 4.06
CA PHE C 108 16.21 10.34 2.84
C PHE C 108 17.42 10.63 1.98
N ILE C 109 17.72 11.91 1.77
CA ILE C 109 18.82 12.31 0.88
C ILE C 109 20.17 11.89 1.46
N GLY C 110 20.36 12.15 2.76
CA GLY C 110 21.63 11.86 3.43
C GLY C 110 22.76 12.67 2.82
N ASN C 111 23.82 11.98 2.43
CA ASN C 111 25.00 12.62 1.84
C ASN C 111 25.05 12.43 0.32
N ASP C 112 23.91 12.11 -0.29
CA ASP C 112 23.88 11.73 -1.70
C ASP C 112 23.48 12.89 -2.59
N LEU C 113 23.69 12.70 -3.88
CA LEU C 113 23.19 13.61 -4.92
C LEU C 113 21.68 13.41 -5.02
N SER C 114 20.96 14.38 -5.59
CA SER C 114 19.50 14.28 -5.69
C SER C 114 18.92 14.88 -6.98
N ALA C 115 17.64 14.56 -7.19
CA ALA C 115 16.83 15.13 -8.28
C ALA C 115 15.42 15.33 -7.77
N LEU C 116 14.87 16.53 -7.99
CA LEU C 116 13.49 16.82 -7.64
C LEU C 116 12.68 17.02 -8.92
N VAL C 117 11.49 16.42 -8.95
CA VAL C 117 10.55 16.61 -10.05
C VAL C 117 9.16 16.87 -9.49
N LEU C 118 8.42 17.76 -10.13
CA LEU C 118 7.05 18.04 -9.69
C LEU C 118 6.10 16.96 -10.20
N GLY C 119 5.14 16.59 -9.34
CA GLY C 119 4.31 15.43 -9.62
C GLY C 119 3.34 15.63 -10.76
N ASP C 120 3.20 16.86 -11.23
CA ASP C 120 2.27 17.18 -12.29
C ASP C 120 2.98 17.65 -13.60
N ASN C 121 4.27 17.40 -13.72
CA ASN C 121 5.01 17.77 -14.94
C ASN C 121 5.15 16.58 -15.89
N LEU C 122 4.82 16.79 -17.16
CA LEU C 122 4.96 15.78 -18.21
C LEU C 122 5.99 16.28 -19.23
N TYR C 123 6.93 15.41 -19.60
CA TYR C 123 7.95 15.69 -20.61
C TYR C 123 7.88 14.63 -21.72
N TYR C 124 8.10 15.04 -22.95
CA TYR C 124 8.14 14.10 -24.06
C TYR C 124 9.14 14.59 -25.10
N GLY C 125 9.96 13.68 -25.60
CA GLY C 125 10.77 13.99 -26.76
C GLY C 125 11.93 13.05 -27.03
N HIS C 126 12.60 13.29 -28.14
CA HIS C 126 13.64 12.42 -28.61
C HIS C 126 14.92 12.68 -27.86
N ASP C 127 15.58 11.60 -27.43
CA ASP C 127 16.86 11.68 -26.70
C ASP C 127 16.71 12.38 -25.34
N PHE C 128 15.51 12.31 -24.79
CA PHE C 128 15.24 12.81 -23.44
C PHE C 128 16.15 12.10 -22.46
N HIS C 129 16.30 10.79 -22.66
CA HIS C 129 17.24 9.98 -21.87
C HIS C 129 18.62 10.60 -21.82
N GLU C 130 19.13 11.01 -22.97
CA GLU C 130 20.48 11.61 -23.06
C GLU C 130 20.57 13.00 -22.47
N LEU C 131 19.53 13.81 -22.70
CA LEU C 131 19.39 15.11 -22.03
C LEU C 131 19.43 14.97 -20.49
N LEU C 132 18.80 13.94 -19.95
CA LEU C 132 18.78 13.71 -18.49
C LEU C 132 20.12 13.16 -18.02
N GLY C 133 20.66 12.21 -18.78
CA GLY C 133 21.96 11.61 -18.50
C GLY C 133 23.08 12.61 -18.28
N SER C 134 23.14 13.62 -19.14
CA SER C 134 24.19 14.63 -19.05
C SER C 134 24.03 15.54 -17.80
N ALA C 135 22.80 15.78 -17.37
CA ALA C 135 22.55 16.48 -16.10
C ALA C 135 22.86 15.57 -14.91
N SER C 136 22.48 14.30 -15.00
CA SER C 136 22.72 13.33 -13.92
C SER C 136 24.22 13.10 -13.63
N GLN C 137 25.05 13.17 -14.69
CA GLN C 137 26.52 12.91 -14.62
C GLN C 137 27.28 14.03 -13.92
N ARG C 138 26.74 15.24 -13.96
CA ARG C 138 27.33 16.37 -13.24
C ARG C 138 27.22 16.13 -11.74
N GLN C 139 28.33 15.69 -11.14
CA GLN C 139 28.35 15.30 -9.73
C GLN C 139 28.60 16.50 -8.79
N THR C 140 28.77 17.69 -9.34
CA THR C 140 28.92 18.92 -8.56
C THR C 140 28.00 20.02 -9.08
N GLY C 141 27.53 20.88 -8.20
CA GLY C 141 26.63 21.95 -8.56
C GLY C 141 25.21 21.46 -8.83
N ALA C 142 24.46 22.29 -9.54
CA ALA C 142 23.07 22.04 -9.87
C ALA C 142 22.82 22.20 -11.37
N SER C 143 21.80 21.49 -11.87
CA SER C 143 21.35 21.60 -13.26
C SER C 143 19.84 21.75 -13.35
N VAL C 144 19.41 22.74 -14.11
CA VAL C 144 18.01 22.95 -14.44
C VAL C 144 17.88 23.08 -15.96
N PHE C 145 16.63 23.07 -16.44
CA PHE C 145 16.33 23.14 -17.87
C PHE C 145 15.43 24.34 -18.12
N ALA C 146 15.73 25.08 -19.17
CA ALA C 146 14.95 26.24 -19.57
C ALA C 146 14.18 25.92 -20.85
N TYR C 147 12.92 26.33 -20.89
CA TYR C 147 12.03 25.99 -21.98
C TYR C 147 11.21 27.19 -22.37
N HIS C 148 11.18 27.48 -23.66
CA HIS C 148 10.42 28.60 -24.19
C HIS C 148 8.94 28.37 -24.07
N VAL C 149 8.26 29.27 -23.38
CA VAL C 149 6.81 29.18 -23.15
C VAL C 149 6.15 30.50 -23.54
N LEU C 150 4.85 30.44 -23.75
CA LEU C 150 4.03 31.62 -24.02
C LEU C 150 3.83 32.49 -22.78
N ASP C 151 3.77 31.86 -21.60
CA ASP C 151 3.35 32.52 -20.37
C ASP C 151 4.39 32.36 -19.30
N PRO C 152 5.61 32.89 -19.54
CA PRO C 152 6.69 32.72 -18.56
C PRO C 152 6.38 33.27 -17.15
N GLU C 153 5.50 34.26 -17.06
CA GLU C 153 5.05 34.84 -15.77
C GLU C 153 4.50 33.80 -14.75
N ARG C 154 4.07 32.63 -15.23
CA ARG C 154 3.63 31.56 -14.33
C ARG C 154 4.75 30.79 -13.66
N TYR C 155 6.00 31.02 -14.07
CA TYR C 155 7.11 30.14 -13.67
C TYR C 155 8.30 30.88 -13.11
N GLY C 156 9.30 30.10 -12.69
CA GLY C 156 10.64 30.63 -12.55
C GLY C 156 11.15 30.98 -13.95
N VAL C 157 11.68 32.16 -14.11
CA VAL C 157 12.11 32.67 -15.41
C VAL C 157 13.63 32.94 -15.37
N VAL C 158 14.33 32.47 -16.40
CA VAL C 158 15.76 32.66 -16.50
C VAL C 158 16.09 33.69 -17.59
N GLU C 159 17.04 34.57 -17.26
CA GLU C 159 17.52 35.60 -18.17
C GLU C 159 18.94 35.25 -18.58
N PHE C 160 19.24 35.46 -19.86
CA PHE C 160 20.53 35.15 -20.43
C PHE C 160 21.13 36.44 -20.99
N ASP C 161 22.46 36.55 -20.93
CA ASP C 161 23.16 37.64 -21.66
C ASP C 161 23.35 37.25 -23.13
N GLN C 162 24.03 38.10 -23.90
CA GLN C 162 24.20 37.90 -25.35
C GLN C 162 25.04 36.67 -25.68
N GLY C 163 25.89 36.26 -24.74
CA GLY C 163 26.70 35.05 -24.91
C GLY C 163 25.97 33.76 -24.58
N GLY C 164 24.72 33.85 -24.12
CA GLY C 164 23.94 32.66 -23.76
C GLY C 164 24.10 32.19 -22.32
N LYS C 165 24.76 33.00 -21.48
CA LYS C 165 24.99 32.65 -20.06
C LYS C 165 23.84 33.15 -19.20
N ALA C 166 23.36 32.29 -18.30
CA ALA C 166 22.32 32.65 -17.36
C ALA C 166 22.85 33.72 -16.40
N ILE C 167 22.10 34.80 -16.23
CA ILE C 167 22.52 35.91 -15.36
C ILE C 167 21.52 36.30 -14.29
N SER C 168 20.25 35.90 -14.43
CA SER C 168 19.27 36.07 -13.34
C SER C 168 18.14 35.04 -13.37
N LEU C 169 17.54 34.84 -12.21
CA LEU C 169 16.37 34.00 -12.05
C LEU C 169 15.33 34.78 -11.26
N GLU C 170 14.09 34.76 -11.74
CA GLU C 170 12.98 35.41 -11.05
C GLU C 170 11.80 34.46 -10.94
N GLU C 171 11.18 34.41 -9.76
CA GLU C 171 9.99 33.58 -9.54
C GLU C 171 8.73 34.34 -9.88
N LYS C 172 8.03 33.86 -10.91
CA LYS C 172 6.74 34.43 -11.34
C LYS C 172 6.78 35.94 -11.54
N PRO C 173 7.74 36.44 -12.32
CA PRO C 173 7.80 37.89 -12.49
C PRO C 173 6.62 38.41 -13.30
N LEU C 174 6.07 39.54 -12.87
CA LEU C 174 4.99 40.20 -13.61
C LEU C 174 5.51 40.73 -14.95
N GLU C 175 6.80 41.02 -15.01
CA GLU C 175 7.47 41.48 -16.24
C GLU C 175 8.69 40.62 -16.55
N PRO C 176 8.45 39.42 -17.14
CA PRO C 176 9.52 38.47 -17.38
C PRO C 176 10.63 39.07 -18.22
N LYS C 177 11.87 38.71 -17.90
CA LYS C 177 13.01 39.14 -18.69
C LYS C 177 13.19 38.33 -19.98
N SER C 178 12.58 37.15 -20.03
CA SER C 178 12.59 36.32 -21.23
C SER C 178 11.37 35.40 -21.25
N ASN C 179 11.27 34.60 -22.29
CA ASN C 179 10.20 33.60 -22.36
C ASN C 179 10.67 32.22 -21.94
N TYR C 180 11.82 32.18 -21.25
CA TYR C 180 12.44 30.91 -20.82
C TYR C 180 12.09 30.59 -19.39
N ALA C 181 11.19 29.61 -19.24
CA ALA C 181 10.78 29.12 -17.94
C ALA C 181 11.71 27.99 -17.50
N VAL C 182 11.96 27.91 -16.21
CA VAL C 182 12.68 26.79 -15.60
C VAL C 182 11.66 25.69 -15.39
N THR C 183 11.88 24.53 -15.97
CA THR C 183 10.91 23.43 -15.88
C THR C 183 10.96 22.82 -14.47
N GLY C 184 9.98 21.98 -14.15
CA GLY C 184 9.88 21.37 -12.82
C GLY C 184 10.66 20.08 -12.68
N LEU C 185 11.93 20.15 -13.07
CA LEU C 185 12.87 19.05 -12.95
C LEU C 185 14.27 19.63 -12.60
N TYR C 186 14.82 19.21 -11.48
CA TYR C 186 15.99 19.87 -10.87
C TYR C 186 16.97 18.83 -10.38
N PHE C 187 18.24 18.98 -10.76
CA PHE C 187 19.32 18.10 -10.30
C PHE C 187 20.25 18.86 -9.34
N TYR C 188 20.55 18.24 -8.18
CA TYR C 188 21.34 18.91 -7.12
C TYR C 188 22.49 18.06 -6.59
N ASP C 189 23.56 18.72 -6.17
CA ASP C 189 24.65 18.05 -5.46
C ASP C 189 24.32 18.00 -3.97
N GLN C 190 25.33 17.66 -3.16
CA GLN C 190 25.17 17.53 -1.71
C GLN C 190 24.99 18.81 -0.93
N GLN C 191 25.01 19.95 -1.61
CA GLN C 191 24.89 21.26 -0.91
C GLN C 191 23.47 21.73 -0.74
N VAL C 192 22.52 21.11 -1.45
CA VAL C 192 21.15 21.62 -1.51
C VAL C 192 20.41 21.67 -0.16
N VAL C 193 20.59 20.66 0.66
CA VAL C 193 19.90 20.65 1.96
C VAL C 193 20.33 21.85 2.82
N ASP C 194 21.64 22.09 2.92
CA ASP C 194 22.19 23.22 3.68
C ASP C 194 21.72 24.58 3.13
N ILE C 195 21.65 24.72 1.81
CA ILE C 195 21.09 25.93 1.20
C ILE C 195 19.61 26.07 1.54
N ALA C 196 18.87 24.97 1.45
CA ALA C 196 17.45 24.96 1.80
C ALA C 196 17.23 25.32 3.28
N ARG C 197 18.10 24.83 4.16
CA ARG C 197 17.92 25.12 5.59
C ARG C 197 18.08 26.59 5.91
N ASP C 198 18.88 27.30 5.12
CA ASP C 198 19.08 28.74 5.32
C ASP C 198 18.08 29.65 4.59
N LEU C 199 17.17 29.06 3.82
CA LEU C 199 16.14 29.85 3.12
C LEU C 199 15.13 30.45 4.11
N LYS C 200 14.75 31.70 3.86
CA LYS C 200 13.69 32.34 4.61
C LYS C 200 12.44 32.35 3.72
N PRO C 201 11.24 32.27 4.32
CA PRO C 201 10.03 32.36 3.49
C PRO C 201 9.94 33.63 2.68
N SER C 202 9.41 33.52 1.47
CA SER C 202 9.22 34.66 0.59
C SER C 202 8.00 35.47 1.04
N PRO C 203 7.77 36.66 0.43
CA PRO C 203 6.57 37.46 0.71
C PRO C 203 5.27 36.71 0.48
N GLU C 206 6.25 31.06 1.33
CA GLU C 206 6.70 29.80 0.73
C GLU C 206 8.23 29.72 0.69
N LEU C 207 8.76 28.52 0.90
CA LEU C 207 10.18 28.28 0.68
C LEU C 207 10.38 27.99 -0.81
N GLU C 208 10.98 28.94 -1.51
CA GLU C 208 11.03 28.96 -2.98
C GLU C 208 12.17 28.14 -3.56
N ILE C 209 11.86 27.26 -4.52
CA ILE C 209 12.91 26.55 -5.25
C ILE C 209 13.81 27.53 -6.03
N THR C 210 13.22 28.60 -6.53
CA THR C 210 13.96 29.60 -7.26
C THR C 210 15.06 30.25 -6.39
N ASP C 211 14.80 30.40 -5.09
CA ASP C 211 15.83 30.84 -4.15
C ASP C 211 16.97 29.83 -4.03
N VAL C 212 16.64 28.53 -4.00
CA VAL C 212 17.67 27.49 -4.05
C VAL C 212 18.52 27.63 -5.31
N ASN C 213 17.87 27.80 -6.45
CA ASN C 213 18.58 27.85 -7.73
C ASN C 213 19.46 29.09 -7.86
N ARG C 214 18.99 30.19 -7.31
CA ARG C 214 19.76 31.43 -7.30
C ARG C 214 21.00 31.30 -6.43
N ALA C 215 20.91 30.52 -5.34
CA ALA C 215 22.08 30.28 -4.49
C ALA C 215 23.18 29.59 -5.28
N TYR C 216 22.81 28.60 -6.10
CA TYR C 216 23.81 27.96 -6.96
C TYR C 216 24.31 28.92 -8.03
N LEU C 217 23.41 29.71 -8.59
CA LEU C 217 23.79 30.70 -9.61
C LEU C 217 24.87 31.67 -9.08
N GLU C 218 24.65 32.22 -7.87
CA GLU C 218 25.59 33.19 -7.27
C GLU C 218 26.98 32.61 -7.00
N ARG C 219 27.05 31.32 -6.73
CA ARG C 219 28.34 30.67 -6.49
C ARG C 219 28.90 30.06 -7.80
N GLY C 220 28.36 30.45 -8.94
CA GLY C 220 28.83 29.95 -10.24
C GLY C 220 28.66 28.46 -10.45
N GLN C 221 27.70 27.85 -9.76
CA GLN C 221 27.49 26.38 -9.87
C GLN C 221 26.13 25.95 -10.44
N LEU C 222 25.46 26.84 -11.15
CA LEU C 222 24.19 26.49 -11.82
C LEU C 222 24.42 26.31 -13.30
N SER C 223 24.16 25.10 -13.79
CA SER C 223 24.05 24.85 -15.22
C SER C 223 22.58 24.96 -15.68
N VAL C 224 22.34 25.85 -16.64
CA VAL C 224 21.07 26.01 -17.29
C VAL C 224 21.16 25.46 -18.73
N GLU C 225 20.62 24.27 -18.94
CA GLU C 225 20.55 23.67 -20.27
C GLU C 225 19.22 23.99 -20.94
N ILE C 226 19.27 24.30 -22.23
CA ILE C 226 18.06 24.56 -22.97
C ILE C 226 17.33 23.24 -23.25
N MET C 227 16.04 23.17 -22.95
CA MET C 227 15.19 22.09 -23.44
C MET C 227 14.50 22.64 -24.68
N GLY C 228 14.91 22.13 -25.81
CA GLY C 228 14.55 22.71 -27.11
C GLY C 228 13.10 22.54 -27.49
N ARG C 229 12.69 23.27 -28.53
CA ARG C 229 11.30 23.33 -28.93
C ARG C 229 10.77 21.99 -29.46
N GLY C 230 11.67 21.09 -29.85
CA GLY C 230 11.31 19.74 -30.28
C GLY C 230 10.93 18.81 -29.13
N TYR C 231 11.05 19.31 -27.89
CA TYR C 231 10.49 18.63 -26.71
C TYR C 231 9.16 19.22 -26.31
N ALA C 232 8.28 18.38 -25.78
CA ALA C 232 7.00 18.83 -25.23
C ALA C 232 7.14 18.84 -23.73
N TRP C 233 6.99 20.03 -23.12
CA TRP C 233 6.85 20.13 -21.66
C TRP C 233 5.47 20.62 -21.40
N LEU C 234 4.65 19.76 -20.84
CA LEU C 234 3.27 20.11 -20.49
C LEU C 234 3.11 20.13 -18.98
N ASP C 235 2.30 21.03 -18.46
CA ASP C 235 1.79 20.81 -17.10
C ASP C 235 0.27 20.80 -17.10
N THR C 236 -0.21 20.26 -16.02
CA THR C 236 -1.54 19.82 -15.88
C THR C 236 -2.14 20.66 -14.75
N GLY C 237 -1.87 21.96 -14.76
CA GLY C 237 -2.34 22.88 -13.71
C GLY C 237 -3.81 23.32 -13.75
N THR C 238 -4.45 23.17 -14.90
CA THR C 238 -5.87 23.53 -15.03
C THR C 238 -6.68 22.37 -15.66
N HIS C 239 -8.00 22.43 -15.55
CA HIS C 239 -8.85 21.44 -16.24
C HIS C 239 -8.58 21.42 -17.72
N ASP C 240 -8.41 22.59 -18.31
CA ASP C 240 -8.13 22.71 -19.75
C ASP C 240 -6.81 22.05 -20.12
N SER C 241 -5.76 22.33 -19.36
CA SER C 241 -4.42 21.83 -19.68
C SER C 241 -4.31 20.30 -19.42
N LEU C 242 -5.03 19.81 -18.41
CA LEU C 242 -5.17 18.38 -18.13
C LEU C 242 -5.71 17.63 -19.36
N LEU C 243 -6.80 18.17 -19.90
CA LEU C 243 -7.47 17.66 -21.08
C LEU C 243 -6.59 17.68 -22.33
N GLU C 244 -5.87 18.79 -22.53
CA GLU C 244 -4.90 18.92 -23.63
C GLU C 244 -3.77 17.92 -23.52
N ALA C 245 -3.27 17.71 -22.30
CA ALA C 245 -2.22 16.70 -22.08
C ALA C 245 -2.70 15.27 -22.43
N GLY C 246 -3.91 14.94 -22.01
CA GLY C 246 -4.55 13.65 -22.36
C GLY C 246 -4.66 13.42 -23.86
N GLN C 247 -5.13 14.42 -24.60
CA GLN C 247 -5.27 14.37 -26.05
CA GLN C 247 -5.27 14.32 -26.05
C GLN C 247 -3.91 14.17 -26.73
N PHE C 248 -2.88 14.86 -26.20
CA PHE C 248 -1.53 14.83 -26.72
C PHE C 248 -0.96 13.43 -26.60
N ILE C 249 -1.06 12.85 -25.41
CA ILE C 249 -0.58 11.50 -25.17
C ILE C 249 -1.35 10.45 -26.02
N ALA C 250 -2.66 10.55 -26.05
CA ALA C 250 -3.52 9.64 -26.82
C ALA C 250 -3.14 9.64 -28.31
N THR C 251 -2.94 10.83 -28.87
CA THR C 251 -2.51 10.94 -30.25
C THR C 251 -1.19 10.22 -30.52
N LEU C 252 -0.20 10.45 -29.68
CA LEU C 252 1.09 9.77 -29.80
C LEU C 252 0.95 8.24 -29.68
N GLU C 253 0.26 7.78 -28.63
CA GLU C 253 0.16 6.35 -28.33
C GLU C 253 -0.64 5.61 -29.41
N ASN C 254 -1.72 6.23 -29.87
CA ASN C 254 -2.55 5.61 -30.89
C ASN C 254 -1.92 5.61 -32.28
N ARG C 255 -1.04 6.58 -32.52
CA ARG C 255 -0.28 6.62 -33.74
C ARG C 255 0.80 5.55 -33.75
N GLN C 256 1.55 5.47 -32.66
CA GLN C 256 2.74 4.65 -32.61
C GLN C 256 2.52 3.18 -32.20
N GLY C 257 1.45 2.92 -31.45
CA GLY C 257 1.27 1.64 -30.77
C GLY C 257 2.32 1.44 -29.69
N LEU C 258 2.86 2.55 -29.18
CA LEU C 258 3.84 2.56 -28.10
C LEU C 258 3.34 3.51 -27.03
N LYS C 259 3.65 3.22 -25.77
CA LYS C 259 3.22 4.05 -24.67
C LYS C 259 4.29 5.06 -24.22
N VAL C 260 3.82 6.18 -23.71
CA VAL C 260 4.65 7.16 -23.03
C VAL C 260 4.51 6.95 -21.53
N ALA C 261 5.64 6.83 -20.86
CA ALA C 261 5.70 6.80 -19.39
C ALA C 261 5.06 5.56 -18.81
N CYS C 262 5.35 4.42 -19.43
CA CYS C 262 4.98 3.10 -18.90
C CYS C 262 6.15 2.65 -18.04
N PRO C 263 6.00 2.75 -16.69
CA PRO C 263 7.12 2.44 -15.80
C PRO C 263 7.67 1.00 -15.94
N GLU C 264 6.80 0.04 -16.19
CA GLU C 264 7.21 -1.34 -16.39
C GLU C 264 8.12 -1.50 -17.60
N GLU C 265 7.75 -0.85 -18.70
CA GLU C 265 8.59 -0.83 -19.88
C GLU C 265 9.93 -0.20 -19.60
N ILE C 266 9.93 0.93 -18.90
CA ILE C 266 11.16 1.63 -18.68
C ILE C 266 12.10 0.81 -17.79
N ALA C 267 11.57 0.21 -16.74
CA ALA C 267 12.35 -0.65 -15.88
C ALA C 267 12.97 -1.80 -16.68
N TYR C 268 12.16 -2.42 -17.54
CA TYR C 268 12.61 -3.57 -18.37
C TYR C 268 13.75 -3.13 -19.29
N ARG C 269 13.62 -1.94 -19.87
CA ARG C 269 14.64 -1.45 -20.82
C ARG C 269 15.89 -1.01 -20.13
N GLN C 270 15.77 -0.57 -18.88
CA GLN C 270 16.93 -0.21 -18.06
C GLN C 270 17.61 -1.46 -17.48
N LYS C 271 17.02 -2.63 -17.70
CA LYS C 271 17.50 -3.93 -17.13
C LYS C 271 17.30 -4.02 -15.62
N TRP C 272 16.36 -3.25 -15.06
CA TRP C 272 16.07 -3.33 -13.62
C TRP C 272 15.18 -4.47 -13.27
N ILE C 273 14.36 -4.89 -14.22
CA ILE C 273 13.57 -6.09 -14.11
C ILE C 273 13.83 -6.89 -15.39
N ASP C 274 13.65 -8.19 -15.30
CA ASP C 274 13.92 -9.07 -16.45
C ASP C 274 12.61 -9.54 -17.08
N ALA C 275 12.73 -10.35 -18.14
CA ALA C 275 11.60 -10.81 -18.93
C ALA C 275 10.54 -11.54 -18.09
N ALA C 276 10.99 -12.40 -17.19
CA ALA C 276 10.09 -13.22 -16.37
C ALA C 276 9.31 -12.33 -15.43
N GLN C 277 9.96 -11.31 -14.86
CA GLN C 277 9.26 -10.37 -13.97
C GLN C 277 8.24 -9.53 -14.76
N LEU C 278 8.61 -9.08 -15.96
CA LEU C 278 7.67 -8.34 -16.82
C LEU C 278 6.46 -9.18 -17.19
N GLU C 279 6.69 -10.45 -17.51
CA GLU C 279 5.59 -11.38 -17.83
C GLU C 279 4.61 -11.49 -16.66
N LYS C 280 5.14 -11.59 -15.44
CA LYS C 280 4.31 -11.67 -14.22
C LYS C 280 3.51 -10.40 -14.00
N LEU C 281 4.11 -9.24 -14.27
CA LEU C 281 3.40 -7.96 -14.19
C LEU C 281 2.30 -7.85 -15.23
N ALA C 282 2.49 -8.47 -16.39
CA ALA C 282 1.49 -8.42 -17.44
C ALA C 282 0.23 -9.22 -17.08
N ALA C 283 0.43 -10.31 -16.35
CA ALA C 283 -0.63 -11.28 -16.01
C ALA C 283 -1.92 -10.65 -15.46
N PRO C 284 -1.84 -9.89 -14.34
CA PRO C 284 -3.09 -9.28 -13.80
C PRO C 284 -3.85 -8.37 -14.78
N LEU C 285 -3.14 -7.72 -15.70
CA LEU C 285 -3.74 -6.75 -16.64
C LEU C 285 -3.98 -7.33 -18.04
N ALA C 286 -3.93 -8.66 -18.16
CA ALA C 286 -3.98 -9.35 -19.47
C ALA C 286 -5.26 -9.12 -20.28
N LYS C 287 -6.35 -8.79 -19.59
CA LYS C 287 -7.65 -8.58 -20.25
C LYS C 287 -7.84 -7.16 -20.79
N ASN C 288 -6.90 -6.26 -20.51
CA ASN C 288 -6.94 -4.90 -21.05
C ASN C 288 -5.72 -4.58 -21.90
N GLY C 289 -5.78 -3.45 -22.59
CA GLY C 289 -4.71 -3.03 -23.52
C GLY C 289 -3.35 -2.83 -22.87
N TYR C 290 -3.33 -2.41 -21.60
CA TYR C 290 -2.07 -2.13 -20.91
C TYR C 290 -1.26 -3.43 -20.70
N GLY C 291 -1.92 -4.47 -20.19
CA GLY C 291 -1.29 -5.78 -20.00
C GLY C 291 -0.95 -6.44 -21.32
N GLN C 292 -1.79 -6.26 -22.34
CA GLN C 292 -1.50 -6.76 -23.67
C GLN C 292 -0.24 -6.09 -24.22
N TYR C 293 -0.09 -4.80 -23.93
CA TYR C 293 1.09 -4.06 -24.32
C TYR C 293 2.36 -4.63 -23.65
N LEU C 294 2.31 -4.85 -22.33
CA LEU C 294 3.44 -5.39 -21.61
C LEU C 294 3.86 -6.76 -22.16
N LYS C 295 2.87 -7.57 -22.48
CA LYS C 295 3.08 -8.91 -23.07
C LYS C 295 3.77 -8.80 -24.43
N ARG C 296 3.24 -7.95 -25.31
CA ARG C 296 3.91 -7.65 -26.60
C ARG C 296 5.38 -7.23 -26.45
N LEU C 297 5.69 -6.46 -25.41
CA LEU C 297 7.09 -6.01 -25.18
C LEU C 297 8.09 -7.16 -25.01
N LEU C 298 7.62 -8.33 -24.59
CA LEU C 298 8.51 -9.49 -24.40
C LEU C 298 9.11 -10.06 -25.69
N THR C 299 8.39 -9.94 -26.81
CA THR C 299 8.81 -10.55 -28.07
C THR C 299 9.06 -9.57 -29.22
N GLU C 300 8.76 -8.29 -29.04
CA GLU C 300 9.01 -7.30 -30.09
C GLU C 300 10.29 -6.55 -29.84
N THR C 301 11.10 -6.36 -30.89
CA THR C 301 12.23 -5.45 -30.80
C THR C 301 11.74 -4.03 -31.10
N VAL C 302 11.99 -3.11 -30.18
CA VAL C 302 11.64 -1.69 -30.36
C VAL C 302 12.93 -0.89 -30.26
N TYR C 303 13.25 -0.12 -31.30
CA TYR C 303 14.50 0.64 -31.35
C TYR C 303 14.35 2.01 -30.68
N MET D 11 -47.42 9.04 -7.52
CA MET D 11 -46.53 8.19 -6.67
C MET D 11 -45.09 8.69 -6.69
N LYS D 12 -44.39 8.46 -5.59
CA LYS D 12 -42.98 8.83 -5.53
C LYS D 12 -42.14 7.87 -6.39
N ARG D 13 -41.11 8.41 -7.02
CA ARG D 13 -40.18 7.62 -7.79
C ARG D 13 -38.79 7.75 -7.17
N LYS D 14 -38.19 6.60 -6.85
CA LYS D 14 -36.84 6.55 -6.26
C LYS D 14 -35.84 6.32 -7.37
N GLY D 15 -34.61 6.78 -7.17
CA GLY D 15 -33.56 6.62 -8.17
C GLY D 15 -32.49 5.66 -7.74
N ILE D 16 -31.90 4.98 -8.70
CA ILE D 16 -30.73 4.14 -8.46
C ILE D 16 -29.64 4.51 -9.45
N ILE D 17 -28.44 4.74 -8.95
CA ILE D 17 -27.27 4.87 -9.81
C ILE D 17 -26.43 3.62 -9.68
N LEU D 18 -26.24 2.92 -10.78
CA LEU D 18 -25.37 1.76 -10.82
C LEU D 18 -23.96 2.21 -11.23
N ALA D 19 -23.08 2.28 -10.25
CA ALA D 19 -21.69 2.60 -10.48
C ALA D 19 -20.85 1.34 -10.30
N GLY D 20 -21.01 0.38 -11.21
CA GLY D 20 -20.46 -0.95 -10.99
C GLY D 20 -19.00 -1.05 -11.32
N GLY D 21 -18.47 -2.21 -10.98
CA GLY D 21 -17.07 -2.50 -11.15
C GLY D 21 -16.73 -2.62 -12.60
N SER D 22 -15.65 -1.95 -13.00
CA SER D 22 -15.18 -2.02 -14.38
C SER D 22 -13.96 -2.93 -14.49
N GLY D 23 -13.85 -3.88 -13.57
CA GLY D 23 -12.69 -4.76 -13.49
C GLY D 23 -11.33 -4.07 -13.67
N THR D 24 -10.51 -4.63 -14.56
CA THR D 24 -9.18 -4.13 -14.87
C THR D 24 -9.17 -3.33 -16.18
N ARG D 25 -10.33 -3.11 -16.77
CA ARG D 25 -10.40 -2.60 -18.15
C ARG D 25 -9.74 -1.25 -18.33
N LEU D 26 -9.82 -0.37 -17.32
CA LEU D 26 -9.26 0.97 -17.40
C LEU D 26 -8.00 1.14 -16.54
N HIS D 27 -7.41 0.04 -16.11
CA HIS D 27 -6.12 0.10 -15.42
C HIS D 27 -5.07 0.61 -16.37
N PRO D 28 -4.05 1.33 -15.87
CA PRO D 28 -3.79 1.62 -14.46
C PRO D 28 -4.51 2.84 -13.90
N ALA D 29 -5.28 3.58 -14.72
CA ALA D 29 -5.95 4.80 -14.25
C ALA D 29 -6.87 4.49 -13.09
N THR D 30 -7.55 3.34 -13.16
CA THR D 30 -8.48 2.95 -12.11
C THR D 30 -7.89 2.08 -11.00
N LEU D 31 -6.57 1.86 -10.98
CA LEU D 31 -5.94 1.16 -9.86
C LEU D 31 -6.09 1.97 -8.58
N ALA D 32 -5.84 3.26 -8.68
CA ALA D 32 -5.94 4.20 -7.55
C ALA D 32 -7.40 4.62 -7.21
N ILE D 33 -8.21 4.84 -8.24
CA ILE D 33 -9.51 5.52 -8.14
C ILE D 33 -10.60 4.75 -8.84
N SER D 34 -11.80 4.72 -8.28
CA SER D 34 -12.95 4.17 -9.01
C SER D 34 -13.23 4.95 -10.28
N LYS D 35 -13.66 4.24 -11.31
CA LYS D 35 -14.00 4.83 -12.60
C LYS D 35 -14.93 6.01 -12.48
N GLN D 36 -15.98 5.87 -11.68
CA GLN D 36 -17.05 6.87 -11.64
C GLN D 36 -16.67 8.08 -10.77
N LEU D 37 -15.48 8.03 -10.19
CA LEU D 37 -14.85 9.21 -9.58
C LEU D 37 -13.84 9.93 -10.50
N LEU D 38 -13.52 9.33 -11.66
CA LEU D 38 -12.65 9.99 -12.62
C LEU D 38 -13.39 11.22 -13.19
N PRO D 39 -12.66 12.32 -13.42
CA PRO D 39 -13.35 13.53 -13.87
C PRO D 39 -13.72 13.47 -15.33
N VAL D 40 -14.87 14.06 -15.66
CA VAL D 40 -15.18 14.41 -17.03
C VAL D 40 -15.08 15.94 -17.06
N TYR D 41 -14.01 16.42 -17.68
CA TYR D 41 -13.55 17.81 -17.62
C TYR D 41 -13.28 18.31 -16.20
N ASP D 42 -14.28 18.84 -15.54
CA ASP D 42 -14.07 19.59 -14.30
C ASP D 42 -14.77 18.98 -13.09
N LYS D 43 -15.46 17.86 -13.26
CA LYS D 43 -16.21 17.28 -12.18
C LYS D 43 -16.25 15.76 -12.28
N PRO D 44 -16.39 15.08 -11.13
CA PRO D 44 -16.39 13.63 -11.16
C PRO D 44 -17.49 13.05 -12.05
N MET D 45 -17.20 11.94 -12.71
CA MET D 45 -18.15 11.31 -13.64
C MET D 45 -19.54 11.13 -13.05
N ILE D 46 -19.62 10.72 -11.80
CA ILE D 46 -20.91 10.41 -11.18
C ILE D 46 -21.84 11.62 -11.00
N TYR D 47 -21.28 12.84 -10.96
CA TYR D 47 -22.08 14.07 -11.00
C TYR D 47 -23.08 14.09 -12.18
N TYR D 48 -22.70 13.50 -13.31
CA TYR D 48 -23.55 13.56 -14.51
C TYR D 48 -24.82 12.72 -14.39
N PRO D 49 -24.71 11.41 -14.11
CA PRO D 49 -25.94 10.65 -13.89
C PRO D 49 -26.72 11.08 -12.63
N LEU D 50 -26.02 11.49 -11.58
CA LEU D 50 -26.69 12.07 -10.41
C LEU D 50 -27.56 13.26 -10.82
N SER D 51 -26.97 14.18 -11.58
CA SER D 51 -27.68 15.35 -12.12
C SER D 51 -28.84 14.96 -13.02
N THR D 52 -28.69 13.89 -13.78
CA THR D 52 -29.78 13.36 -14.60
C THR D 52 -30.99 12.95 -13.75
N LEU D 53 -30.75 12.19 -12.70
CA LEU D 53 -31.83 11.81 -11.80
C LEU D 53 -32.50 13.05 -11.20
N MET D 54 -31.69 14.01 -10.80
CA MET D 54 -32.19 15.24 -10.16
C MET D 54 -33.07 16.02 -11.12
N LEU D 55 -32.66 16.08 -12.38
CA LEU D 55 -33.42 16.75 -13.42
C LEU D 55 -34.77 16.10 -13.63
N ALA D 56 -34.84 14.79 -13.41
CA ALA D 56 -36.11 14.07 -13.46
C ALA D 56 -36.98 14.27 -12.21
N GLY D 57 -36.53 15.14 -11.29
CA GLY D 57 -37.28 15.40 -10.05
C GLY D 57 -37.06 14.34 -8.96
N ILE D 58 -36.07 13.47 -9.13
CA ILE D 58 -35.81 12.38 -8.17
C ILE D 58 -34.82 12.85 -7.07
N ARG D 59 -35.23 12.75 -5.82
CA ARG D 59 -34.42 13.19 -4.66
C ARG D 59 -33.88 12.05 -3.80
N GLU D 60 -34.53 10.90 -3.85
CA GLU D 60 -34.17 9.77 -3.01
C GLU D 60 -33.49 8.76 -3.90
N ILE D 61 -32.19 8.59 -3.66
CA ILE D 61 -31.30 7.94 -4.62
C ILE D 61 -30.38 6.93 -3.93
N LEU D 62 -30.36 5.71 -4.47
CA LEU D 62 -29.46 4.67 -4.00
C LEU D 62 -28.26 4.56 -4.95
N ILE D 63 -27.05 4.71 -4.40
CA ILE D 63 -25.81 4.52 -5.15
C ILE D 63 -25.26 3.12 -4.87
N ILE D 64 -25.21 2.31 -5.94
CA ILE D 64 -24.69 0.96 -5.90
C ILE D 64 -23.32 0.89 -6.58
N SER D 65 -22.34 0.38 -5.87
CA SER D 65 -21.01 0.16 -6.46
C SER D 65 -20.36 -1.06 -5.81
N THR D 66 -19.07 -1.25 -6.08
CA THR D 66 -18.33 -2.39 -5.55
C THR D 66 -18.02 -2.20 -4.07
N PRO D 67 -17.62 -3.28 -3.36
CA PRO D 67 -17.21 -3.11 -1.96
C PRO D 67 -16.11 -2.08 -1.77
N GLN D 68 -15.17 -2.04 -2.71
CA GLN D 68 -14.06 -1.07 -2.62
C GLN D 68 -14.52 0.38 -2.89
N ASP D 69 -15.44 0.57 -3.82
CA ASP D 69 -15.74 1.92 -4.30
C ASP D 69 -16.88 2.62 -3.54
N THR D 70 -17.80 1.86 -3.01
CA THR D 70 -18.96 2.39 -2.31
C THR D 70 -18.58 3.38 -1.19
N PRO D 71 -17.62 3.00 -0.31
CA PRO D 71 -17.26 3.95 0.73
C PRO D 71 -16.63 5.21 0.18
N ARG D 72 -16.01 5.15 -1.00
CA ARG D 72 -15.41 6.33 -1.62
C ARG D 72 -16.51 7.26 -2.13
N PHE D 73 -17.56 6.72 -2.74
CA PHE D 73 -18.74 7.52 -3.07
C PHE D 73 -19.35 8.15 -1.80
N GLN D 74 -19.46 7.34 -0.74
CA GLN D 74 -19.99 7.82 0.55
C GLN D 74 -19.15 8.97 1.12
N GLN D 75 -17.83 8.78 1.09
CA GLN D 75 -16.88 9.79 1.62
C GLN D 75 -17.02 11.12 0.86
N LEU D 76 -17.20 11.01 -0.46
CA LEU D 76 -17.39 12.19 -1.31
C LEU D 76 -18.74 12.89 -1.08
N LEU D 77 -19.83 12.14 -1.18
CA LEU D 77 -21.18 12.68 -1.33
C LEU D 77 -21.99 12.71 -0.03
N GLY D 78 -21.62 11.89 0.95
CA GLY D 78 -22.34 11.85 2.21
C GLY D 78 -23.78 11.42 2.00
N ASP D 79 -24.68 11.97 2.80
CA ASP D 79 -26.08 11.59 2.73
C ASP D 79 -26.92 12.45 1.79
N GLY D 80 -26.30 13.40 1.10
CA GLY D 80 -27.01 14.23 0.11
C GLY D 80 -27.63 15.49 0.69
N SER D 81 -27.74 15.56 2.02
CA SER D 81 -28.49 16.63 2.69
C SER D 81 -28.01 18.03 2.33
N ASN D 82 -26.70 18.18 2.07
CA ASN D 82 -26.16 19.48 1.59
C ASN D 82 -26.80 19.95 0.29
N TRP D 83 -27.33 19.02 -0.50
CA TRP D 83 -27.95 19.35 -1.80
C TRP D 83 -29.44 19.07 -1.86
N GLY D 84 -30.09 18.89 -0.71
CA GLY D 84 -31.54 18.61 -0.68
C GLY D 84 -31.91 17.20 -1.14
N LEU D 85 -30.92 16.31 -1.09
CA LEU D 85 -31.13 14.94 -1.53
C LEU D 85 -31.11 14.03 -0.32
N ASP D 86 -31.51 12.78 -0.55
CA ASP D 86 -31.43 11.75 0.45
C ASP D 86 -30.75 10.58 -0.23
N LEU D 87 -29.44 10.46 -0.02
CA LEU D 87 -28.63 9.43 -0.67
C LEU D 87 -28.41 8.26 0.28
N GLN D 88 -28.60 7.04 -0.23
CA GLN D 88 -28.23 5.82 0.44
C GLN D 88 -27.28 4.99 -0.46
N TYR D 89 -26.63 4.01 0.14
CA TYR D 89 -25.55 3.28 -0.50
C TYR D 89 -25.72 1.79 -0.32
N ALA D 90 -25.36 1.04 -1.35
CA ALA D 90 -25.33 -0.42 -1.21
C ALA D 90 -24.26 -0.98 -2.13
N VAL D 91 -23.81 -2.20 -1.83
CA VAL D 91 -22.70 -2.81 -2.53
C VAL D 91 -23.18 -3.90 -3.50
N GLN D 92 -22.49 -4.04 -4.62
CA GLN D 92 -22.64 -5.19 -5.51
C GLN D 92 -21.34 -5.99 -5.44
N PRO D 93 -21.34 -7.15 -4.73
CA PRO D 93 -20.10 -7.90 -4.45
C PRO D 93 -19.38 -8.34 -5.71
N SER D 94 -20.14 -8.72 -6.72
CA SER D 94 -19.58 -9.18 -7.97
C SER D 94 -20.38 -8.62 -9.14
N PRO D 95 -19.69 -8.25 -10.23
CA PRO D 95 -20.43 -7.71 -11.36
C PRO D 95 -21.25 -8.81 -12.08
N ASP D 96 -22.38 -9.20 -11.50
CA ASP D 96 -23.23 -10.28 -12.04
C ASP D 96 -24.43 -9.75 -12.84
N GLY D 97 -24.35 -8.53 -13.33
CA GLY D 97 -25.37 -7.97 -14.20
C GLY D 97 -26.08 -6.75 -13.65
N LEU D 98 -26.52 -5.89 -14.56
CA LEU D 98 -27.14 -4.61 -14.20
C LEU D 98 -28.50 -4.83 -13.51
N ALA D 99 -29.19 -5.90 -13.89
CA ALA D 99 -30.51 -6.23 -13.33
C ALA D 99 -30.43 -6.59 -11.85
N GLN D 100 -29.24 -7.00 -11.40
CA GLN D 100 -29.00 -7.22 -9.98
C GLN D 100 -29.26 -5.99 -9.10
N ALA D 101 -29.19 -4.80 -9.68
CA ALA D 101 -29.44 -3.56 -8.93
C ALA D 101 -30.80 -3.58 -8.23
N PHE D 102 -31.78 -4.25 -8.84
CA PHE D 102 -33.14 -4.31 -8.31
C PHE D 102 -33.31 -5.30 -7.16
N LEU D 103 -32.43 -6.30 -7.09
CA LEU D 103 -32.43 -7.25 -5.97
C LEU D 103 -31.67 -6.64 -4.80
N ILE D 104 -30.48 -6.12 -5.07
CA ILE D 104 -29.73 -5.36 -4.06
C ILE D 104 -30.58 -4.17 -3.57
N GLY D 105 -31.28 -3.51 -4.48
CA GLY D 105 -32.05 -2.30 -4.15
C GLY D 105 -33.50 -2.56 -3.76
N GLU D 106 -33.87 -3.83 -3.58
CA GLU D 106 -35.26 -4.19 -3.26
C GLU D 106 -35.85 -3.47 -2.04
N SER D 107 -35.16 -3.48 -0.92
CA SER D 107 -35.71 -2.83 0.29
C SER D 107 -35.75 -1.31 0.12
N PHE D 108 -34.74 -0.75 -0.53
CA PHE D 108 -34.74 0.68 -0.85
C PHE D 108 -35.96 1.09 -1.68
N ILE D 109 -36.26 0.30 -2.70
CA ILE D 109 -37.36 0.61 -3.60
C ILE D 109 -38.72 0.48 -2.90
N GLY D 110 -38.89 -0.60 -2.14
CA GLY D 110 -40.15 -0.86 -1.43
C GLY D 110 -41.29 -1.08 -2.40
N ASN D 111 -42.36 -0.33 -2.20
CA ASN D 111 -43.54 -0.40 -3.06
C ASN D 111 -43.60 0.80 -4.01
N ASP D 112 -42.48 1.48 -4.22
CA ASP D 112 -42.46 2.73 -5.00
C ASP D 112 -42.07 2.50 -6.45
N LEU D 113 -42.32 3.53 -7.26
CA LEU D 113 -41.83 3.56 -8.63
C LEU D 113 -40.31 3.81 -8.57
N SER D 114 -39.61 3.49 -9.65
CA SER D 114 -38.15 3.69 -9.65
C SER D 114 -37.59 4.16 -11.00
N ALA D 115 -36.32 4.57 -10.95
CA ALA D 115 -35.54 4.90 -12.13
C ALA D 115 -34.10 4.42 -11.93
N LEU D 116 -33.53 3.76 -12.93
CA LEU D 116 -32.14 3.37 -12.92
C LEU D 116 -31.35 4.13 -13.99
N VAL D 117 -30.17 4.61 -13.60
CA VAL D 117 -29.24 5.25 -14.52
C VAL D 117 -27.83 4.65 -14.32
N LEU D 118 -27.11 4.41 -15.39
CA LEU D 118 -25.74 3.89 -15.30
C LEU D 118 -24.76 5.00 -14.95
N GLY D 119 -23.80 4.68 -14.09
CA GLY D 119 -22.91 5.68 -13.48
C GLY D 119 -21.98 6.35 -14.46
N ASP D 120 -21.87 5.79 -15.66
CA ASP D 120 -20.96 6.31 -16.66
C ASP D 120 -21.69 6.84 -17.90
N ASN D 121 -22.99 7.09 -17.78
CA ASN D 121 -23.76 7.69 -18.88
C ASN D 121 -23.93 9.20 -18.70
N LEU D 122 -23.68 9.95 -19.78
CA LEU D 122 -23.84 11.40 -19.82
C LEU D 122 -24.88 11.75 -20.87
N TYR D 123 -25.79 12.65 -20.54
CA TYR D 123 -26.81 13.14 -21.46
C TYR D 123 -26.72 14.65 -21.54
N TYR D 124 -27.00 15.21 -22.72
CA TYR D 124 -27.10 16.65 -22.87
C TYR D 124 -28.12 17.00 -23.96
N GLY D 125 -28.97 17.99 -23.71
CA GLY D 125 -29.78 18.55 -24.75
C GLY D 125 -30.93 19.40 -24.28
N HIS D 126 -31.62 20.01 -25.26
CA HIS D 126 -32.65 20.98 -24.95
C HIS D 126 -33.92 20.30 -24.56
N ASP D 127 -34.56 20.78 -23.50
CA ASP D 127 -35.81 20.21 -22.97
C ASP D 127 -35.63 18.76 -22.47
N PHE D 128 -34.42 18.42 -22.04
CA PHE D 128 -34.12 17.11 -21.44
C PHE D 128 -35.01 16.93 -20.23
N HIS D 129 -35.16 18.00 -19.45
CA HIS D 129 -36.05 18.04 -18.28
C HIS D 129 -37.43 17.55 -18.62
N GLU D 130 -37.98 18.04 -19.74
CA GLU D 130 -39.33 17.67 -20.18
C GLU D 130 -39.40 16.24 -20.71
N LEU D 131 -38.35 15.83 -21.43
CA LEU D 131 -38.23 14.45 -21.88
C LEU D 131 -38.23 13.47 -20.70
N LEU D 132 -37.59 13.85 -19.61
CA LEU D 132 -37.55 13.01 -18.41
C LEU D 132 -38.87 13.05 -17.64
N GLY D 133 -39.43 14.26 -17.52
CA GLY D 133 -40.74 14.47 -16.91
C GLY D 133 -41.87 13.60 -17.46
N SER D 134 -41.93 13.46 -18.78
CA SER D 134 -42.99 12.66 -19.41
C SER D 134 -42.83 11.15 -19.15
N ALA D 135 -41.58 10.70 -19.03
CA ALA D 135 -41.30 9.32 -18.63
C ALA D 135 -41.63 9.12 -17.15
N SER D 136 -41.28 10.11 -16.33
CA SER D 136 -41.46 10.01 -14.88
C SER D 136 -42.95 9.92 -14.49
N GLN D 137 -43.82 10.57 -15.28
CA GLN D 137 -45.25 10.63 -14.98
C GLN D 137 -46.01 9.37 -15.34
N ARG D 138 -45.45 8.57 -16.25
CA ARG D 138 -46.02 7.25 -16.55
C ARG D 138 -45.90 6.36 -15.32
N GLN D 139 -47.01 6.19 -14.60
CA GLN D 139 -47.02 5.44 -13.34
C GLN D 139 -47.23 3.94 -13.51
N THR D 140 -47.36 3.48 -14.75
CA THR D 140 -47.50 2.06 -15.03
C THR D 140 -46.53 1.66 -16.14
N GLY D 141 -46.06 0.42 -16.08
CA GLY D 141 -45.13 -0.09 -17.06
C GLY D 141 -43.74 0.51 -16.91
N ALA D 142 -42.99 0.43 -18.01
CA ALA D 142 -41.59 0.89 -18.07
C ALA D 142 -41.37 1.83 -19.25
N SER D 143 -40.40 2.73 -19.11
CA SER D 143 -39.98 3.63 -20.17
C SER D 143 -38.47 3.62 -20.37
N VAL D 144 -38.05 3.37 -21.60
CA VAL D 144 -36.65 3.47 -22.00
C VAL D 144 -36.57 4.44 -23.21
N PHE D 145 -35.34 4.78 -23.58
CA PHE D 145 -35.07 5.71 -24.67
C PHE D 145 -34.16 5.04 -25.68
N ALA D 146 -34.48 5.22 -26.97
CA ALA D 146 -33.68 4.67 -28.04
C ALA D 146 -32.95 5.80 -28.76
N TYR D 147 -31.70 5.55 -29.11
CA TYR D 147 -30.84 6.56 -29.66
C TYR D 147 -30.03 5.96 -30.81
N HIS D 148 -30.03 6.65 -31.93
CA HIS D 148 -29.30 6.18 -33.09
C HIS D 148 -27.79 6.27 -32.83
N VAL D 149 -27.10 5.15 -33.01
CA VAL D 149 -25.66 5.05 -32.79
C VAL D 149 -24.98 4.41 -33.98
N LEU D 150 -23.68 4.63 -34.10
CA LEU D 150 -22.85 3.99 -35.13
C LEU D 150 -22.61 2.51 -34.87
N ASP D 151 -22.54 2.13 -33.58
CA ASP D 151 -22.08 0.79 -33.17
C ASP D 151 -23.09 0.09 -32.29
N PRO D 152 -24.28 -0.21 -32.83
CA PRO D 152 -25.36 -0.74 -31.99
C PRO D 152 -25.01 -2.08 -31.35
N GLU D 153 -24.11 -2.86 -31.97
CA GLU D 153 -23.63 -4.12 -31.39
C GLU D 153 -23.16 -4.07 -29.95
N ARG D 154 -22.73 -2.89 -29.50
CA ARG D 154 -22.23 -2.74 -28.13
C ARG D 154 -23.35 -2.65 -27.10
N TYR D 155 -24.60 -2.55 -27.55
CA TYR D 155 -25.71 -2.22 -26.66
C TYR D 155 -26.89 -3.15 -26.72
N GLY D 156 -27.88 -2.87 -25.88
CA GLY D 156 -29.22 -3.35 -26.12
C GLY D 156 -29.77 -2.64 -27.34
N VAL D 157 -30.25 -3.42 -28.31
CA VAL D 157 -30.71 -2.89 -29.57
C VAL D 157 -32.20 -3.12 -29.69
N VAL D 158 -32.92 -2.08 -30.08
CA VAL D 158 -34.36 -2.17 -30.25
C VAL D 158 -34.72 -2.20 -31.74
N GLU D 159 -35.65 -3.07 -32.10
CA GLU D 159 -36.16 -3.20 -33.46
C GLU D 159 -37.58 -2.69 -33.49
N PHE D 160 -37.91 -1.96 -34.56
CA PHE D 160 -39.21 -1.35 -34.75
C PHE D 160 -39.82 -1.89 -36.03
N ASP D 161 -41.13 -2.03 -36.05
CA ASP D 161 -41.85 -2.38 -37.29
C ASP D 161 -42.06 -1.11 -38.11
N GLN D 162 -42.73 -1.23 -39.26
CA GLN D 162 -42.92 -0.10 -40.16
C GLN D 162 -43.79 1.01 -39.55
N GLY D 163 -44.61 0.66 -38.57
CA GLY D 163 -45.45 1.64 -37.88
C GLY D 163 -44.74 2.40 -36.78
N GLY D 164 -43.48 2.04 -36.52
CA GLY D 164 -42.70 2.69 -35.43
C GLY D 164 -42.84 2.04 -34.06
N LYS D 165 -43.45 0.85 -33.99
CA LYS D 165 -43.64 0.13 -32.74
C LYS D 165 -42.46 -0.79 -32.43
N ALA D 166 -41.97 -0.75 -31.20
CA ALA D 166 -40.89 -1.64 -30.76
C ALA D 166 -41.40 -3.09 -30.76
N ILE D 167 -40.68 -3.98 -31.44
CA ILE D 167 -41.09 -5.39 -31.54
C ILE D 167 -40.05 -6.41 -31.05
N SER D 168 -38.78 -6.01 -30.91
CA SER D 168 -37.77 -6.87 -30.26
C SER D 168 -36.61 -6.09 -29.63
N LEU D 169 -35.98 -6.73 -28.65
CA LEU D 169 -34.80 -6.22 -27.96
C LEU D 169 -33.76 -7.32 -27.94
N GLU D 170 -32.53 -6.97 -28.31
CA GLU D 170 -31.44 -7.94 -28.30
C GLU D 170 -30.25 -7.28 -27.62
N GLU D 171 -29.61 -8.04 -26.72
CA GLU D 171 -28.45 -7.55 -25.98
C GLU D 171 -27.21 -7.86 -26.77
N LYS D 172 -26.53 -6.82 -27.24
CA LYS D 172 -25.26 -6.94 -27.95
C LYS D 172 -25.30 -7.91 -29.12
N PRO D 173 -26.29 -7.76 -30.03
CA PRO D 173 -26.38 -8.69 -31.14
C PRO D 173 -25.21 -8.55 -32.13
N LEU D 174 -24.71 -9.70 -32.59
CA LEU D 174 -23.68 -9.72 -33.64
C LEU D 174 -24.21 -9.18 -34.96
N GLU D 175 -25.52 -9.29 -35.16
CA GLU D 175 -26.19 -8.74 -36.35
C GLU D 175 -27.37 -7.87 -35.94
N PRO D 176 -27.09 -6.61 -35.54
CA PRO D 176 -28.15 -5.71 -35.06
C PRO D 176 -29.28 -5.52 -36.05
N LYS D 177 -30.51 -5.50 -35.55
CA LYS D 177 -31.68 -5.30 -36.39
C LYS D 177 -31.89 -3.83 -36.74
N SER D 178 -31.28 -2.94 -35.98
CA SER D 178 -31.32 -1.51 -36.27
C SER D 178 -30.10 -0.84 -35.67
N ASN D 179 -30.04 0.47 -35.82
CA ASN D 179 -28.96 1.27 -35.24
C ASN D 179 -29.45 2.01 -33.98
N TYR D 180 -30.57 1.54 -33.42
CA TYR D 180 -31.13 2.15 -32.23
C TYR D 180 -30.74 1.39 -30.98
N ALA D 181 -29.91 2.05 -30.16
CA ALA D 181 -29.48 1.53 -28.88
C ALA D 181 -30.39 2.02 -27.78
N VAL D 182 -30.63 1.17 -26.79
CA VAL D 182 -31.33 1.56 -25.58
C VAL D 182 -30.33 2.22 -24.66
N THR D 183 -30.59 3.47 -24.27
CA THR D 183 -29.64 4.23 -23.45
C THR D 183 -29.65 3.71 -22.00
N GLY D 184 -28.69 4.13 -21.20
CA GLY D 184 -28.57 3.65 -19.80
C GLY D 184 -29.38 4.46 -18.81
N LEU D 185 -30.65 4.65 -19.15
CA LEU D 185 -31.60 5.34 -18.31
C LEU D 185 -32.94 4.62 -18.45
N TYR D 186 -33.48 4.15 -17.33
CA TYR D 186 -34.64 3.27 -17.33
C TYR D 186 -35.62 3.68 -16.24
N PHE D 187 -36.89 3.80 -16.59
CA PHE D 187 -37.97 4.12 -15.64
C PHE D 187 -38.87 2.90 -15.47
N TYR D 188 -39.17 2.53 -14.22
CA TYR D 188 -39.93 1.28 -13.91
C TYR D 188 -41.09 1.51 -12.94
N ASP D 189 -42.13 0.69 -13.08
CA ASP D 189 -43.23 0.66 -12.11
C ASP D 189 -42.88 -0.33 -10.99
N GLN D 190 -43.88 -0.67 -10.18
CA GLN D 190 -43.70 -1.57 -9.03
C GLN D 190 -43.52 -3.06 -9.36
N GLN D 191 -43.53 -3.41 -10.64
CA GLN D 191 -43.33 -4.82 -11.04
C GLN D 191 -41.87 -5.24 -11.19
N VAL D 192 -40.94 -4.28 -11.29
CA VAL D 192 -39.55 -4.58 -11.69
C VAL D 192 -38.82 -5.53 -10.73
N VAL D 193 -39.01 -5.36 -9.44
CA VAL D 193 -38.30 -6.22 -8.49
C VAL D 193 -38.68 -7.69 -8.67
N ASP D 194 -39.98 -7.96 -8.76
CA ASP D 194 -40.48 -9.33 -8.97
C ASP D 194 -40.04 -9.92 -10.31
N ILE D 195 -39.98 -9.11 -11.36
CA ILE D 195 -39.44 -9.57 -12.66
C ILE D 195 -37.96 -9.92 -12.54
N ALA D 196 -37.21 -9.06 -11.87
CA ALA D 196 -35.79 -9.33 -11.62
C ALA D 196 -35.57 -10.61 -10.79
N ARG D 197 -36.42 -10.84 -9.79
CA ARG D 197 -36.29 -12.03 -8.93
C ARG D 197 -36.48 -13.35 -9.71
N ASP D 198 -37.29 -13.30 -10.76
CA ASP D 198 -37.53 -14.47 -11.62
C ASP D 198 -36.58 -14.64 -12.82
N LEU D 199 -35.64 -13.70 -13.00
CA LEU D 199 -34.63 -13.82 -14.06
C LEU D 199 -33.67 -14.97 -13.79
N LYS D 200 -33.29 -15.68 -14.84
CA LYS D 200 -32.17 -16.61 -14.81
C LYS D 200 -30.96 -15.97 -15.52
N PRO D 201 -29.73 -16.29 -15.06
CA PRO D 201 -28.55 -15.75 -15.74
C PRO D 201 -28.48 -16.11 -17.22
N SER D 202 -27.97 -15.17 -18.02
CA SER D 202 -27.78 -15.38 -19.46
C SER D 202 -26.56 -16.27 -19.70
N PRO D 203 -26.31 -16.66 -20.96
CA PRO D 203 -25.09 -17.43 -21.28
C PRO D 203 -23.76 -16.78 -20.84
N ARG D 204 -23.77 -15.48 -20.58
CA ARG D 204 -22.58 -14.77 -20.07
C ARG D 204 -22.53 -14.75 -18.53
N GLY D 205 -23.52 -15.33 -17.86
CA GLY D 205 -23.57 -15.39 -16.39
C GLY D 205 -24.01 -14.08 -15.76
N GLU D 206 -24.80 -13.30 -16.49
CA GLU D 206 -25.25 -11.99 -16.02
C GLU D 206 -26.78 -11.91 -15.96
N LEU D 207 -27.28 -11.19 -14.96
CA LEU D 207 -28.69 -10.84 -14.91
C LEU D 207 -28.87 -9.57 -15.77
N GLU D 208 -29.42 -9.76 -16.95
CA GLU D 208 -29.45 -8.73 -18.00
C GLU D 208 -30.59 -7.74 -17.81
N ILE D 209 -30.29 -6.44 -17.90
CA ILE D 209 -31.33 -5.40 -17.91
C ILE D 209 -32.22 -5.56 -19.16
N THR D 210 -31.62 -5.99 -20.27
CA THR D 210 -32.39 -6.26 -21.49
C THR D 210 -33.47 -7.34 -21.29
N ASP D 211 -33.19 -8.35 -20.46
CA ASP D 211 -34.20 -9.33 -20.09
C ASP D 211 -35.33 -8.70 -19.29
N VAL D 212 -35.00 -7.77 -18.39
CA VAL D 212 -36.03 -7.04 -17.66
C VAL D 212 -36.90 -6.28 -18.66
N ASN D 213 -36.26 -5.60 -19.60
CA ASN D 213 -36.99 -4.75 -20.55
C ASN D 213 -37.85 -5.58 -21.51
N ARG D 214 -37.36 -6.75 -21.89
CA ARG D 214 -38.12 -7.68 -22.73
C ARG D 214 -39.35 -8.22 -22.01
N ALA D 215 -39.25 -8.42 -20.70
CA ALA D 215 -40.38 -8.86 -19.89
C ALA D 215 -41.51 -7.82 -19.97
N TYR D 216 -41.18 -6.53 -19.85
CA TYR D 216 -42.18 -5.47 -20.02
C TYR D 216 -42.69 -5.42 -21.47
N LEU D 217 -41.79 -5.58 -22.43
CA LEU D 217 -42.16 -5.58 -23.84
C LEU D 217 -43.22 -6.67 -24.16
N GLU D 218 -43.00 -7.90 -23.69
CA GLU D 218 -43.94 -9.02 -23.92
C GLU D 218 -45.32 -8.79 -23.32
N ARG D 219 -45.38 -8.04 -22.23
CA ARG D 219 -46.67 -7.67 -21.62
C ARG D 219 -47.28 -6.42 -22.19
N GLY D 220 -46.71 -5.88 -23.28
CA GLY D 220 -47.17 -4.63 -23.87
C GLY D 220 -47.03 -3.43 -22.95
N GLN D 221 -46.09 -3.48 -22.02
CA GLN D 221 -45.91 -2.37 -21.06
C GLN D 221 -44.55 -1.65 -21.16
N LEU D 222 -43.86 -1.78 -22.29
CA LEU D 222 -42.59 -1.05 -22.51
C LEU D 222 -42.84 0.11 -23.50
N SER D 223 -42.67 1.33 -23.01
CA SER D 223 -42.63 2.50 -23.86
C SER D 223 -41.18 2.77 -24.27
N VAL D 224 -40.94 2.79 -25.58
CA VAL D 224 -39.65 3.16 -26.16
C VAL D 224 -39.80 4.54 -26.83
N GLU D 225 -39.33 5.58 -26.15
CA GLU D 225 -39.32 6.95 -26.70
C GLU D 225 -38.00 7.20 -27.44
N ILE D 226 -38.07 7.88 -28.59
CA ILE D 226 -36.88 8.25 -29.32
C ILE D 226 -36.17 9.39 -28.61
N MET D 227 -34.87 9.23 -28.36
CA MET D 227 -34.04 10.36 -27.96
C MET D 227 -33.40 10.85 -29.24
N GLY D 228 -33.83 12.01 -29.69
CA GLY D 228 -33.50 12.51 -31.02
C GLY D 228 -32.06 12.90 -31.21
N ARG D 229 -31.67 13.10 -32.47
CA ARG D 229 -30.27 13.36 -32.81
C ARG D 229 -29.75 14.72 -32.29
N GLY D 230 -30.66 15.61 -31.91
CA GLY D 230 -30.29 16.86 -31.26
C GLY D 230 -29.89 16.73 -29.80
N TYR D 231 -30.02 15.53 -29.24
CA TYR D 231 -29.46 15.20 -27.92
C TYR D 231 -28.12 14.51 -28.06
N ALA D 232 -27.22 14.78 -27.13
CA ALA D 232 -25.96 14.07 -27.00
C ALA D 232 -26.09 13.01 -25.91
N TRP D 233 -25.95 11.73 -26.27
CA TRP D 233 -25.81 10.65 -25.29
C TRP D 233 -24.42 10.10 -25.45
N LEU D 234 -23.59 10.31 -24.44
CA LEU D 234 -22.19 9.81 -24.43
C LEU D 234 -21.99 8.77 -23.33
N ASP D 235 -21.16 7.76 -23.56
CA ASP D 235 -20.69 6.97 -22.41
C ASP D 235 -19.19 7.10 -22.22
N THR D 236 -18.75 6.95 -20.99
CA THR D 236 -17.41 7.28 -20.58
C THR D 236 -16.76 6.02 -20.09
N GLY D 237 -16.95 4.94 -20.85
CA GLY D 237 -16.45 3.64 -20.47
C GLY D 237 -14.98 3.35 -20.79
N THR D 238 -14.39 4.07 -21.73
CA THR D 238 -13.00 3.83 -22.16
C THR D 238 -12.20 5.10 -22.00
N HIS D 239 -10.87 4.97 -22.02
CA HIS D 239 -10.00 6.13 -21.97
C HIS D 239 -10.31 7.08 -23.10
N ASP D 240 -10.55 6.54 -24.30
CA ASP D 240 -10.86 7.37 -25.48
C ASP D 240 -12.17 8.11 -25.34
N SER D 241 -13.21 7.42 -24.90
CA SER D 241 -14.53 8.02 -24.78
C SER D 241 -14.60 9.02 -23.63
N LEU D 242 -13.87 8.74 -22.54
CA LEU D 242 -13.75 9.65 -21.41
C LEU D 242 -13.15 10.99 -21.86
N LEU D 243 -12.09 10.93 -22.63
CA LEU D 243 -11.43 12.09 -23.23
C LEU D 243 -12.34 12.90 -24.16
N GLU D 244 -13.07 12.19 -25.02
CA GLU D 244 -14.04 12.84 -25.91
C GLU D 244 -15.15 13.52 -25.16
N ALA D 245 -15.63 12.88 -24.09
CA ALA D 245 -16.68 13.46 -23.27
C ALA D 245 -16.18 14.73 -22.56
N GLY D 246 -14.95 14.70 -22.05
CA GLY D 246 -14.29 15.88 -21.45
C GLY D 246 -14.17 17.08 -22.38
N GLN D 247 -13.75 16.85 -23.62
CA GLN D 247 -13.64 17.87 -24.65
CA GLN D 247 -13.63 17.92 -24.59
C GLN D 247 -15.01 18.47 -24.99
N PHE D 248 -16.02 17.60 -25.03
CA PHE D 248 -17.40 18.00 -25.38
C PHE D 248 -17.98 18.95 -24.32
N ILE D 249 -17.83 18.57 -23.05
CA ILE D 249 -18.30 19.34 -21.93
C ILE D 249 -17.54 20.68 -21.81
N ALA D 250 -16.21 20.64 -21.95
CA ALA D 250 -15.38 21.86 -21.91
C ALA D 250 -15.78 22.87 -22.99
N THR D 251 -15.99 22.41 -24.20
CA THR D 251 -16.47 23.27 -25.31
C THR D 251 -17.80 23.97 -24.98
N LEU D 252 -18.77 23.22 -24.47
CA LEU D 252 -20.05 23.79 -24.07
C LEU D 252 -19.87 24.81 -22.93
N GLU D 253 -19.16 24.44 -21.87
CA GLU D 253 -19.03 25.27 -20.68
C GLU D 253 -18.24 26.53 -20.95
N ASN D 254 -17.17 26.40 -21.71
CA ASN D 254 -16.34 27.55 -22.06
C ASN D 254 -17.02 28.51 -23.04
N ARG D 255 -17.91 27.98 -23.88
CA ARG D 255 -18.71 28.81 -24.77
C ARG D 255 -19.79 29.59 -23.99
N GLN D 256 -20.52 28.89 -23.13
CA GLN D 256 -21.70 29.44 -22.48
C GLN D 256 -21.44 30.20 -21.18
N GLY D 257 -20.36 29.87 -20.49
CA GLY D 257 -20.14 30.31 -19.11
C GLY D 257 -21.18 29.72 -18.16
N LEU D 258 -21.72 28.57 -18.55
CA LEU D 258 -22.69 27.83 -17.76
C LEU D 258 -22.20 26.39 -17.68
N LYS D 259 -22.49 25.73 -16.57
CA LYS D 259 -22.02 24.36 -16.36
C LYS D 259 -23.08 23.33 -16.74
N VAL D 260 -22.60 22.16 -17.19
CA VAL D 260 -23.42 20.97 -17.37
C VAL D 260 -23.27 20.09 -16.14
N ALA D 261 -24.40 19.72 -15.55
CA ALA D 261 -24.46 18.72 -14.45
C ALA D 261 -23.74 19.22 -13.19
N CYS D 262 -24.02 20.47 -12.84
CA CYS D 262 -23.64 21.04 -11.55
C CYS D 262 -24.79 20.74 -10.57
N PRO D 263 -24.61 19.75 -9.66
CA PRO D 263 -25.71 19.35 -8.79
C PRO D 263 -26.23 20.46 -7.86
N GLU D 264 -25.33 21.33 -7.40
CA GLU D 264 -25.72 22.45 -6.57
C GLU D 264 -26.67 23.38 -7.33
N GLU D 265 -26.34 23.67 -8.57
CA GLU D 265 -27.20 24.51 -9.40
C GLU D 265 -28.56 23.84 -9.59
N ILE D 266 -28.55 22.56 -9.91
CA ILE D 266 -29.80 21.89 -10.21
C ILE D 266 -30.71 21.85 -8.97
N ALA D 267 -30.11 21.57 -7.81
CA ALA D 267 -30.85 21.57 -6.56
C ALA D 267 -31.47 22.94 -6.29
N TYR D 268 -30.68 24.00 -6.50
CA TYR D 268 -31.14 25.39 -6.29
C TYR D 268 -32.32 25.70 -7.22
N ARG D 269 -32.23 25.27 -8.47
CA ARG D 269 -33.27 25.57 -9.47
C ARG D 269 -34.52 24.73 -9.26
N GLN D 270 -34.37 23.56 -8.66
CA GLN D 270 -35.51 22.74 -8.27
C GLN D 270 -36.15 23.22 -6.95
N LYS D 271 -35.52 24.20 -6.28
CA LYS D 271 -35.96 24.74 -4.98
C LYS D 271 -35.73 23.75 -3.83
N TRP D 272 -34.79 22.82 -4.00
CA TRP D 272 -34.47 21.86 -2.95
C TRP D 272 -33.53 22.42 -1.95
N ILE D 273 -32.73 23.40 -2.37
CA ILE D 273 -31.94 24.20 -1.47
C ILE D 273 -32.22 25.66 -1.81
N ASP D 274 -32.03 26.55 -0.85
CA ASP D 274 -32.33 27.98 -1.04
C ASP D 274 -31.04 28.77 -1.21
N ALA D 275 -31.19 30.09 -1.40
CA ALA D 275 -30.05 30.97 -1.67
C ALA D 275 -28.99 30.92 -0.58
N ALA D 276 -29.41 30.92 0.67
CA ALA D 276 -28.48 30.91 1.80
C ALA D 276 -27.67 29.61 1.84
N GLN D 277 -28.33 28.48 1.56
CA GLN D 277 -27.62 27.20 1.51
C GLN D 277 -26.64 27.15 0.33
N LEU D 278 -27.05 27.66 -0.83
CA LEU D 278 -26.15 27.74 -1.98
C LEU D 278 -24.94 28.62 -1.69
N GLU D 279 -25.16 29.75 -1.02
CA GLU D 279 -24.07 30.64 -0.63
C GLU D 279 -23.06 29.90 0.25
N LYS D 280 -23.55 29.12 1.21
CA LYS D 280 -22.68 28.33 2.10
C LYS D 280 -21.89 27.26 1.36
N LEU D 281 -22.53 26.62 0.38
CA LEU D 281 -21.83 25.66 -0.49
C LEU D 281 -20.76 26.33 -1.35
N ALA D 282 -20.99 27.58 -1.77
CA ALA D 282 -20.01 28.28 -2.58
C ALA D 282 -18.75 28.63 -1.78
N ALA D 283 -18.92 28.89 -0.48
CA ALA D 283 -17.82 29.37 0.39
C ALA D 283 -16.51 28.55 0.32
N PRO D 284 -16.55 27.23 0.61
CA PRO D 284 -15.31 26.44 0.53
C PRO D 284 -14.57 26.48 -0.82
N LEU D 285 -15.31 26.64 -1.92
CA LEU D 285 -14.75 26.63 -3.27
C LEU D 285 -14.56 28.02 -3.87
N ALA D 286 -14.63 29.06 -3.02
CA ALA D 286 -14.64 30.46 -3.48
C ALA D 286 -13.40 30.91 -4.24
N LYS D 287 -12.27 30.24 -4.03
CA LYS D 287 -11.00 30.61 -4.71
C LYS D 287 -10.80 29.94 -6.08
N ASN D 288 -11.72 29.07 -6.47
CA ASN D 288 -11.70 28.47 -7.80
C ASN D 288 -12.95 28.82 -8.60
N GLY D 289 -12.93 28.48 -9.89
CA GLY D 289 -14.01 28.80 -10.80
C GLY D 289 -15.35 28.18 -10.44
N TYR D 290 -15.33 26.99 -9.83
CA TYR D 290 -16.58 26.29 -9.50
C TYR D 290 -17.37 27.05 -8.42
N GLY D 291 -16.70 27.42 -7.34
CA GLY D 291 -17.31 28.24 -6.29
C GLY D 291 -17.68 29.64 -6.76
N GLN D 292 -16.86 30.22 -7.64
CA GLN D 292 -17.19 31.52 -8.23
C GLN D 292 -18.47 31.40 -9.07
N TYR D 293 -18.60 30.27 -9.76
CA TYR D 293 -19.82 29.99 -10.53
C TYR D 293 -21.07 29.91 -9.63
N LEU D 294 -20.98 29.15 -8.54
CA LEU D 294 -22.09 29.02 -7.61
C LEU D 294 -22.51 30.39 -7.03
N LYS D 295 -21.51 31.22 -6.73
CA LYS D 295 -21.74 32.56 -6.20
C LYS D 295 -22.46 33.42 -7.24
N ARG D 296 -21.96 33.44 -8.47
CA ARG D 296 -22.63 34.13 -9.59
C ARG D 296 -24.10 33.70 -9.76
N LEU D 297 -24.42 32.42 -9.54
CA LEU D 297 -25.81 31.94 -9.65
C LEU D 297 -26.80 32.63 -8.70
N LEU D 298 -26.31 33.18 -7.59
CA LEU D 298 -27.18 33.87 -6.62
C LEU D 298 -27.77 35.20 -7.14
N THR D 299 -27.06 35.89 -8.03
CA THR D 299 -27.49 37.22 -8.51
C THR D 299 -27.80 37.32 -10.00
N GLU D 300 -27.50 36.27 -10.78
CA GLU D 300 -27.76 36.31 -12.22
C GLU D 300 -29.04 35.59 -12.57
N THR D 301 -29.85 36.18 -13.45
CA THR D 301 -30.99 35.47 -14.02
C THR D 301 -30.50 34.63 -15.18
N VAL D 302 -30.78 33.34 -15.15
CA VAL D 302 -30.42 32.44 -16.26
C VAL D 302 -31.69 31.76 -16.75
N TYR D 303 -32.00 31.93 -18.04
CA TYR D 303 -33.23 31.40 -18.62
C TYR D 303 -33.08 29.96 -19.09
CAY BBE E . -15.49 -18.41 13.29
CAZ BBE E . -16.49 -17.48 12.94
CBA BBE E . -17.63 -17.34 13.71
CAX BBE E . -17.80 -18.15 14.82
CAW BBE E . -16.80 -19.09 15.18
CAV BBE E . -15.64 -19.21 14.43
CAU BBE E . -14.67 -20.16 14.78
NAN BBE E . -13.37 -19.58 15.18
CAO BBE E . -13.01 -19.38 16.47
NAP BBE E . -13.85 -19.61 17.48
CAM BBE E . -12.47 -19.34 14.19
OAL BBE E . -12.74 -19.57 13.01
NAD BBE E . -11.20 -18.85 14.47
CAE BBE E . -10.82 -18.56 15.78
OAA BBE E . -9.69 -18.13 15.99
CAF BBE E . -11.74 -18.84 16.80
NAG BBE E . -11.33 -18.64 18.07
CAB BBE E . -10.42 -19.67 18.62
SAH BBE E . -11.63 -17.25 18.90
OAQ BBE E . -13.14 -17.02 18.96
OAC BBE E . -11.00 -17.34 20.31
CAI BBE E . -10.83 -15.93 17.96
CAJ BBE E . -11.48 -15.38 16.85
CAK BBE E . -10.83 -14.35 16.14
CAT BBE E . -9.57 -13.89 16.54
CAS BBE E . -8.93 -14.44 17.63
CAR BBE E . -9.57 -15.45 18.35
CAL BBE E . -7.65 -13.98 18.03
CL CL F . -15.58 -22.21 21.58
CAY BBE G . 33.69 -11.30 22.33
CAZ BBE G . 34.67 -11.14 21.36
CBA BBE G . 35.59 -12.15 21.10
CAX BBE G . 35.51 -13.35 21.80
CAW BBE G . 34.53 -13.51 22.78
CAV BBE G . 33.60 -12.49 23.05
CAU BBE G . 32.62 -12.66 24.04
NAN BBE G . 31.30 -12.91 23.44
CAO BBE G . 30.83 -14.17 23.30
NAP BBE G . 31.55 -15.24 23.64
CAM BBE G . 30.52 -11.86 23.09
OAL BBE G . 30.92 -10.71 23.24
NAD BBE G . 29.27 -12.05 22.53
CAE BBE G . 28.76 -13.34 22.34
OAA BBE G . 27.64 -13.47 21.84
CAF BBE G . 29.58 -14.41 22.73
NAG BBE G . 29.11 -15.68 22.62
CAB BBE G . 28.18 -16.17 23.67
SAH BBE G . 29.46 -16.57 21.38
OAQ BBE G . 30.99 -16.69 21.24
OAC BBE G . 28.85 -17.97 21.60
CAI BBE G . 28.78 -15.87 19.94
CAJ BBE G . 29.45 -14.78 19.38
CAK BBE G . 28.95 -14.19 18.23
CAT BBE G . 27.77 -14.69 17.65
CAS BBE G . 27.11 -15.77 18.21
CAR BBE G . 27.60 -16.37 19.36
CAL BBE G . 25.93 -16.21 17.58
CL CL H . 32.87 -18.97 26.77
CAY BBE I . 13.54 3.35 -22.28
CAZ BBE I . 14.59 3.43 -21.37
CBA BBE I . 15.68 4.28 -21.60
CAX BBE I . 15.69 5.06 -22.76
CAW BBE I . 14.62 4.96 -23.67
CAV BBE I . 13.53 4.12 -23.46
CAU BBE I . 12.45 4.04 -24.43
NAN BBE I . 11.28 4.87 -23.95
CAO BBE I . 11.12 6.20 -24.29
NAP BBE I . 12.01 6.82 -25.07
CAM BBE I . 10.37 4.28 -23.17
OAL BBE I . 10.47 3.08 -22.89
NAD BBE I . 9.25 4.98 -22.71
CAE BBE I . 9.05 6.34 -23.04
OAA BBE I . 8.07 6.92 -22.57
CAF BBE I . 10.03 6.97 -23.82
NAG BBE I . 9.79 8.29 -24.20
CAB BBE I . 8.69 8.51 -25.18
SAH BBE I . 10.41 9.61 -23.44
OAQ BBE I . 11.95 9.58 -23.44
OAC BBE I . 9.93 10.89 -24.16
CAI BBE I . 9.82 9.58 -21.81
CAJ BBE I . 10.39 8.70 -20.90
CAK BBE I . 9.92 8.70 -19.59
CAT BBE I . 8.87 9.54 -19.21
CAS BBE I . 8.30 10.42 -20.12
CAR BBE I . 8.77 10.43 -21.43
CAL BBE I . 7.24 11.26 -19.69
CL CL J . 13.62 8.76 -29.35
CAY BBE K . -31.71 22.94 -13.89
CAZ BBE K . -32.67 22.30 -13.10
CBA BBE K . -33.93 22.08 -13.60
CAX BBE K . -34.22 22.49 -14.89
CAW BBE K . -33.27 23.13 -15.67
CAV BBE K . -31.98 23.35 -15.19
CAU BBE K . -31.02 24.01 -15.99
NAN BBE K . -29.91 23.06 -16.27
CAO BBE K . -29.83 22.39 -17.45
NAP BBE K . -30.76 22.50 -18.42
CAM BBE K . -28.92 22.92 -15.37
OAL BBE K . -28.99 23.55 -14.33
NAD BBE K . -27.83 22.04 -15.55
CAE BBE K . -27.75 21.32 -16.74
OAA BBE K . -26.80 20.55 -16.93
CAF BBE K . -28.78 21.47 -17.69
NAG BBE K . -28.63 20.87 -18.89
CAB BBE K . -27.70 21.53 -19.80
SAH BBE K . -29.20 19.48 -19.28
OAQ BBE K . -30.72 19.51 -19.27
OAC BBE K . -28.67 19.17 -20.69
CAI BBE K . -28.46 18.31 -18.16
CAJ BBE K . -28.97 18.24 -16.87
CAK BBE K . -28.42 17.36 -15.97
CAT BBE K . -27.35 16.56 -16.35
CAS BBE K . -26.82 16.64 -17.62
CAR BBE K . -27.37 17.53 -18.54
CAL BBE K . -25.72 15.79 -17.94
CL CL L . -32.38 24.24 -22.94
#